data_2IAM
#
_entry.id   2IAM
#
_cell.length_a   86.391
_cell.length_b   270.542
_cell.length_c   97.396
_cell.angle_alpha   90.00
_cell.angle_beta   90.00
_cell.angle_gamma   90.00
#
_symmetry.space_group_name_H-M   'C 2 2 2'
#
loop_
_entity.id
_entity.type
_entity.pdbx_description
1 polymer 'HLA class II histocompatibility antigen, DR alpha chain'
2 polymer 'HLA class II histocompatibility antigen, DRB1-1 beta chain'
3 polymer '15-mer peptide from Triosephosphate isomerase'
4 polymer 'CD4+ T cell receptor E8 alpha chain'
5 polymer 'CD4+ T cell receptor E8 beta chain'
6 water water
#
loop_
_entity_poly.entity_id
_entity_poly.type
_entity_poly.pdbx_seq_one_letter_code
_entity_poly.pdbx_strand_id
1 'polypeptide(L)'
;IKEEHVIIQAEFYLNPDQSGEFMFDFDGDEIFHVDMAKKETVWRLEEFGRFASFEAQGALANIAVDKANLEIMTKRSNYT
PITNVPPEVTVLTNSPVELREPNVLICFIDKFTPPVVNVTWLRNGKPVTTGVSETVFLPREDHLFRKFHYLPFLPSTEDV
YDCRVEHWGLDEPLLKHWEFDA
;
A
2 'polypeptide(L)'
;GDTRPRFLWQLKFECHFFNGTERVRLLERCIYNQEESVRFDSDVGEYRAVTELGRPDAEYWNSQKDLLEQRRAAVDTYCR
HNYGVGESFTVQRRVEPKVTVYPSKTQPLQHHNLLVCSVSGFYPGSIEVRWFRNGQEEKAGVVSTGLIQNGDWTFQTLVM
LETVPRSGEVYTCQVEHPSVTSPLTVEWRA
;
B
3 'polypeptide(L)' GELIGILNAAKVPAD P
4 'polypeptide(L)'
;IQVEQSPPDLILQEGANSTLRCNFSDSVNNLQWFHQNPWGQLINLFYIPSGTKQNGRLSATTVATERYSLLYISSSQTTD
SGVYFCAALIQGAQKLVFGQGTRLTINPNIQNPDPAVYQLRDSKSSDKSVCLFTDFDSQTNVSQSKDSDVYITDKCVLDM
RSMDFKSNSAVAWSNKSDFACANAFNNSIIPEDTFFPSPESS
;
C
5 'polypeptide(L)'
;NAGVTQTPKFRILKIGQSMTLQCTQDMNHNYMYWYRQDPGMGLKLIYYSVGAGITDKGEVPNGYNVSRSTTEDFPLRLEL
AAPSQTSVYFCASTYHGTGYFGEGSWLTVVEDLNKVFPPEVAVFEPSEAEISHTQKATLVCLATGFFPDHVELSWWVNGK
EVHSGVCTDPQPLKEQPALNDSRYALSSRLRVSATFWQNPRNHFRCQVQFYGLSENDEWTQDRAKPVTQIVSAEAWGRAD
;
D
#
# COMPACT_ATOMS: atom_id res chain seq x y z
N GLU A 3 17.63 -10.10 26.51
CA GLU A 3 17.14 -9.68 25.16
C GLU A 3 18.11 -10.16 24.04
N GLU A 4 18.21 -9.42 22.95
CA GLU A 4 19.33 -9.55 22.00
C GLU A 4 19.43 -8.39 20.96
N HIS A 5 18.36 -8.06 20.23
CA HIS A 5 18.43 -6.89 19.32
C HIS A 5 17.21 -5.97 19.35
N VAL A 6 17.35 -4.81 18.68
CA VAL A 6 16.41 -3.70 18.77
C VAL A 6 16.67 -2.78 17.63
N ILE A 7 15.65 -2.65 16.79
CA ILE A 7 15.61 -1.78 15.65
C ILE A 7 14.53 -0.72 15.89
N ILE A 8 14.90 0.53 16.11
CA ILE A 8 13.92 1.54 16.40
C ILE A 8 13.73 2.37 15.14
N GLN A 9 12.46 2.54 14.72
CA GLN A 9 12.08 3.61 13.80
C GLN A 9 11.84 4.88 14.62
N ALA A 10 12.74 5.83 14.65
CA ALA A 10 12.57 7.05 15.47
C ALA A 10 12.25 8.34 14.69
N GLU A 11 11.17 9.03 15.07
CA GLU A 11 10.76 10.29 14.47
C GLU A 11 10.63 11.33 15.57
N PHE A 12 10.99 12.57 15.27
CA PHE A 12 10.44 13.74 15.99
C PHE A 12 9.96 14.82 15.06
N TYR A 13 9.14 15.72 15.58
CA TYR A 13 9.01 16.99 14.90
C TYR A 13 9.04 18.05 15.97
N LEU A 14 9.74 19.16 15.73
CA LEU A 14 10.04 20.17 16.76
C LEU A 14 9.46 21.51 16.42
N ASN A 15 8.46 21.94 17.20
CA ASN A 15 7.42 22.87 16.69
C ASN A 15 7.72 24.20 16.16
N PRO A 16 8.42 25.07 16.99
CA PRO A 16 8.72 26.42 16.49
C PRO A 16 9.83 26.39 15.44
N ASP A 17 10.83 25.52 15.60
CA ASP A 17 12.01 25.47 14.69
C ASP A 17 11.62 24.82 13.41
N GLN A 18 10.41 24.30 13.38
CA GLN A 18 9.84 23.68 12.16
C GLN A 18 10.80 22.64 11.60
N SER A 19 11.41 21.89 12.51
CA SER A 19 12.47 20.96 12.19
C SER A 19 12.01 19.50 12.36
N GLY A 20 12.56 18.60 11.55
CA GLY A 20 12.17 17.18 11.64
C GLY A 20 13.24 16.14 11.34
N GLU A 21 12.97 14.91 11.75
CA GLU A 21 13.88 13.81 11.47
C GLU A 21 13.19 12.47 11.35
N PHE A 22 13.66 11.67 10.42
CA PHE A 22 13.17 10.32 10.32
C PHE A 22 14.39 9.50 10.24
N MET A 23 14.52 8.53 11.14
CA MET A 23 15.76 7.73 11.17
C MET A 23 15.52 6.28 11.64
N PHE A 24 16.45 5.37 11.29
CA PHE A 24 16.38 3.97 11.81
C PHE A 24 17.57 3.65 12.63
N ASP A 25 17.29 3.01 13.75
CA ASP A 25 18.27 2.69 14.74
C ASP A 25 18.44 1.19 14.81
N PHE A 26 19.63 0.72 15.12
CA PHE A 26 19.84 -0.70 15.38
C PHE A 26 20.90 -0.85 16.46
N ASP A 27 20.53 -1.29 17.67
CA ASP A 27 21.41 -1.24 18.88
C ASP A 27 22.11 0.15 19.02
N GLY A 28 21.34 1.19 18.75
CA GLY A 28 21.78 2.57 18.98
C GLY A 28 22.91 2.95 18.04
N ASP A 29 22.68 2.61 16.78
CA ASP A 29 23.57 2.93 15.72
C ASP A 29 22.67 3.18 14.60
N GLU A 30 22.84 4.35 14.00
CA GLU A 30 22.05 4.78 12.85
C GLU A 30 22.37 3.87 11.66
N ILE A 31 21.30 3.31 11.08
CA ILE A 31 21.35 2.70 9.77
C ILE A 31 21.32 3.80 8.69
N PHE A 32 20.26 4.60 8.71
CA PHE A 32 20.13 5.66 7.77
C PHE A 32 19.20 6.67 8.33
N HIS A 33 19.27 7.88 7.78
CA HIS A 33 18.21 8.84 8.00
C HIS A 33 17.76 9.39 6.65
N VAL A 34 16.66 10.11 6.68
CA VAL A 34 16.20 10.83 5.52
C VAL A 34 16.58 12.29 5.54
N ASP A 35 17.10 12.73 4.41
CA ASP A 35 17.39 14.14 4.27
C ASP A 35 16.11 14.78 3.84
N MET A 36 15.49 15.43 4.83
CA MET A 36 14.30 16.26 4.65
C MET A 36 14.47 17.36 3.59
N ALA A 37 15.60 18.07 3.62
CA ALA A 37 15.89 19.02 2.56
C ALA A 37 15.82 18.30 1.22
N LYS A 38 16.63 17.27 1.09
CA LYS A 38 16.90 16.66 -0.21
C LYS A 38 15.90 15.59 -0.54
N LYS A 39 15.19 15.11 0.49
CA LYS A 39 14.17 14.07 0.33
C LYS A 39 14.73 12.75 -0.22
N GLU A 40 15.86 12.31 0.31
CA GLU A 40 16.50 11.10 -0.17
C GLU A 40 17.13 10.33 0.99
N THR A 41 17.36 9.04 0.83
CA THR A 41 17.97 8.24 1.92
C THR A 41 19.42 8.70 2.11
N VAL A 42 19.87 8.81 3.34
CA VAL A 42 21.27 8.98 3.58
C VAL A 42 21.67 7.81 4.46
N TRP A 43 22.41 6.84 3.89
CA TRP A 43 22.86 5.71 4.69
C TRP A 43 24.02 6.12 5.55
N ARG A 44 24.06 5.60 6.77
CA ARG A 44 25.10 5.95 7.70
C ARG A 44 26.50 5.57 7.23
N LEU A 45 26.65 4.38 6.65
CA LEU A 45 27.85 3.96 5.92
C LEU A 45 27.45 3.55 4.52
N GLU A 46 28.24 3.98 3.54
CA GLU A 46 28.10 3.58 2.13
C GLU A 46 27.54 2.16 1.94
N GLU A 47 28.18 1.16 2.55
CA GLU A 47 27.83 -0.24 2.23
C GLU A 47 26.37 -0.58 2.34
N PHE A 48 25.72 0.03 3.33
CA PHE A 48 24.36 -0.26 3.66
C PHE A 48 23.53 -0.09 2.42
N GLY A 49 23.91 0.92 1.62
CA GLY A 49 23.21 1.24 0.39
C GLY A 49 23.36 0.20 -0.71
N ARG A 50 24.42 -0.59 -0.64
CA ARG A 50 24.67 -1.70 -1.56
C ARG A 50 24.01 -2.99 -1.08
N PHE A 51 23.66 -3.07 0.20
CA PHE A 51 23.01 -4.28 0.71
C PHE A 51 21.51 -4.13 1.10
N ALA A 52 21.02 -2.89 1.09
CA ALA A 52 19.60 -2.69 1.22
C ALA A 52 19.27 -1.47 0.42
N SER A 53 18.01 -1.37 0.01
CA SER A 53 17.52 -0.11 -0.45
C SER A 53 16.30 0.27 0.37
N PHE A 54 15.83 1.48 0.15
CA PHE A 54 14.75 2.05 0.96
C PHE A 54 14.04 3.13 0.19
N GLU A 55 12.76 2.94 -0.02
CA GLU A 55 11.96 3.93 -0.75
C GLU A 55 11.24 4.79 0.32
N ALA A 56 11.35 6.12 0.21
CA ALA A 56 11.23 7.05 1.35
C ALA A 56 9.88 7.82 1.43
N GLN A 57 8.95 7.47 0.53
CA GLN A 57 7.77 8.28 0.36
C GLN A 57 6.92 8.28 1.60
N GLY A 58 6.70 7.12 2.20
CA GLY A 58 5.90 7.00 3.42
C GLY A 58 6.53 7.75 4.57
N ALA A 59 7.84 7.67 4.71
CA ALA A 59 8.48 8.26 5.90
C ALA A 59 8.30 9.79 5.89
N LEU A 60 8.31 10.37 4.67
CA LEU A 60 8.14 11.80 4.46
C LEU A 60 6.77 12.28 4.98
N ALA A 61 5.74 11.48 4.71
CA ALA A 61 4.38 11.76 5.14
C ALA A 61 4.35 11.63 6.64
N ASN A 62 4.92 10.55 7.16
CA ASN A 62 5.03 10.40 8.61
C ASN A 62 5.43 11.65 9.35
N ILE A 63 6.35 12.42 8.80
CA ILE A 63 6.77 13.62 9.47
C ILE A 63 5.65 14.64 9.49
N ALA A 64 5.03 14.81 8.33
CA ALA A 64 3.88 15.71 8.21
C ALA A 64 2.84 15.30 9.28
N VAL A 65 2.64 14.01 9.47
CA VAL A 65 1.62 13.63 10.46
C VAL A 65 2.14 13.90 11.85
N ASP A 66 3.41 13.65 12.07
CA ASP A 66 4.01 13.96 13.35
C ASP A 66 3.85 15.42 13.64
N LYS A 67 3.98 16.26 12.62
CA LYS A 67 3.78 17.72 12.81
C LYS A 67 2.34 18.04 13.24
N ALA A 68 1.38 17.65 12.42
CA ALA A 68 0.00 17.91 12.76
C ALA A 68 -0.25 17.40 14.16
N ASN A 69 0.21 16.18 14.41
CA ASN A 69 0.04 15.63 15.74
C ASN A 69 0.64 16.52 16.81
N LEU A 70 1.81 17.11 16.55
CA LEU A 70 2.43 17.91 17.60
C LEU A 70 1.56 19.11 17.92
N GLU A 71 1.05 19.76 16.88
CA GLU A 71 0.27 21.00 17.05
C GLU A 71 -0.98 20.77 17.87
N ILE A 72 -1.62 19.61 17.68
CA ILE A 72 -2.73 19.20 18.55
C ILE A 72 -2.33 19.00 20.05
N MET A 73 -1.26 18.22 20.31
CA MET A 73 -0.72 18.10 21.67
C MET A 73 -0.35 19.43 22.33
N THR A 74 0.45 20.21 21.63
CA THR A 74 0.72 21.54 22.08
C THR A 74 -0.54 22.21 22.66
N LYS A 75 -1.64 22.28 21.90
CA LYS A 75 -2.93 22.83 22.39
C LYS A 75 -3.53 22.06 23.55
N ARG A 76 -3.63 20.75 23.43
CA ARG A 76 -4.31 19.95 24.41
C ARG A 76 -3.56 20.07 25.74
N SER A 77 -2.24 20.25 25.67
CA SER A 77 -1.40 20.22 26.85
C SER A 77 -1.36 21.56 27.48
N ASN A 78 -2.15 22.48 26.94
CA ASN A 78 -2.18 23.86 27.43
C ASN A 78 -0.84 24.55 27.20
N TYR A 79 -0.28 24.32 26.01
CA TYR A 79 0.93 25.01 25.63
C TYR A 79 1.96 24.85 26.75
N THR A 80 2.08 23.60 27.18
CA THR A 80 3.15 23.22 28.04
C THR A 80 4.35 23.00 27.14
N PRO A 81 5.45 23.69 27.45
CA PRO A 81 6.70 23.61 26.72
C PRO A 81 7.59 22.59 27.36
N ILE A 82 8.63 22.17 26.65
CA ILE A 82 9.59 21.24 27.19
C ILE A 82 10.61 21.92 28.17
N THR A 83 11.22 21.11 29.01
CA THR A 83 12.21 21.55 29.93
C THR A 83 13.52 21.21 29.30
N ASN A 84 14.43 22.19 29.27
CA ASN A 84 15.68 22.00 28.56
C ASN A 84 16.47 21.05 29.44
N VAL A 85 17.24 20.16 28.79
CA VAL A 85 18.09 19.23 29.49
C VAL A 85 19.50 19.30 28.89
N PRO A 86 20.47 19.75 29.71
CA PRO A 86 21.81 20.02 29.21
C PRO A 86 22.45 18.71 28.77
N PRO A 87 23.29 18.73 27.72
CA PRO A 87 24.02 17.51 27.43
C PRO A 87 25.26 17.24 28.29
N GLU A 88 25.69 15.97 28.29
CA GLU A 88 26.97 15.51 28.82
C GLU A 88 27.95 15.34 27.65
N VAL A 89 28.83 16.30 27.48
CA VAL A 89 29.80 16.27 26.41
C VAL A 89 31.14 15.69 26.86
N THR A 90 31.36 14.41 26.59
CA THR A 90 32.74 13.90 26.68
C THR A 90 33.35 14.01 25.28
N VAL A 91 34.68 13.92 25.21
CA VAL A 91 35.45 13.90 23.95
C VAL A 91 36.66 12.97 24.06
N LEU A 92 36.76 12.00 23.15
CA LEU A 92 37.95 11.15 23.08
C LEU A 92 38.28 10.77 21.66
N THR A 93 39.41 10.09 21.52
CA THR A 93 39.98 9.88 20.21
C THR A 93 39.52 8.56 19.66
N ASN A 94 39.64 8.44 18.34
CA ASN A 94 39.34 7.25 17.54
C ASN A 94 40.22 6.10 18.02
N SER A 95 41.50 6.17 17.66
CA SER A 95 42.47 5.14 18.00
C SER A 95 43.59 5.71 18.87
N PRO A 96 44.52 4.86 19.30
CA PRO A 96 45.74 5.27 19.98
C PRO A 96 46.45 6.43 19.30
N VAL A 97 46.23 7.62 19.85
CA VAL A 97 46.84 8.85 19.36
C VAL A 97 48.34 8.73 19.36
N GLU A 98 48.90 8.29 18.23
CA GLU A 98 50.36 8.37 18.06
C GLU A 98 50.67 9.55 17.16
N LEU A 99 51.52 10.44 17.67
CA LEU A 99 52.05 11.62 16.97
C LEU A 99 52.18 11.49 15.44
N ARG A 100 51.64 12.46 14.69
CA ARG A 100 51.81 12.56 13.23
C ARG A 100 51.20 11.37 12.44
N GLU A 101 50.14 10.78 12.97
CA GLU A 101 49.43 9.68 12.30
C GLU A 101 47.97 10.02 12.27
N PRO A 102 47.38 10.07 11.06
CA PRO A 102 45.96 10.36 10.89
C PRO A 102 45.10 9.68 11.97
N ASN A 103 44.28 10.47 12.65
CA ASN A 103 43.37 9.95 13.68
C ASN A 103 42.15 10.86 13.79
N VAL A 104 41.11 10.42 14.48
CA VAL A 104 39.86 11.17 14.52
C VAL A 104 39.45 11.50 15.97
N LEU A 105 38.90 12.71 16.16
CA LEU A 105 38.31 13.11 17.42
C LEU A 105 36.78 13.03 17.39
N ILE A 106 36.24 12.42 18.44
CA ILE A 106 34.81 12.27 18.60
C ILE A 106 34.33 13.17 19.72
N CYS A 107 33.24 13.90 19.42
CA CYS A 107 32.51 14.68 20.41
C CYS A 107 31.16 13.98 20.69
N PHE A 108 31.05 13.37 21.87
CA PHE A 108 29.85 12.66 22.30
C PHE A 108 28.99 13.68 22.96
N ILE A 109 27.82 13.87 22.37
CA ILE A 109 26.81 14.69 22.96
C ILE A 109 25.65 13.78 23.33
N ASP A 110 25.54 13.59 24.62
CA ASP A 110 24.69 12.57 25.15
C ASP A 110 23.68 13.21 26.04
N LYS A 111 22.56 12.51 26.20
CA LYS A 111 21.63 12.74 27.27
C LYS A 111 21.13 14.16 27.25
N PHE A 112 20.59 14.63 26.14
CA PHE A 112 20.08 16.00 26.14
C PHE A 112 18.76 16.15 25.42
N THR A 113 17.97 17.14 25.83
CA THR A 113 16.74 17.41 25.10
C THR A 113 16.55 18.88 24.84
N PRO A 114 15.68 19.17 23.89
CA PRO A 114 15.54 19.58 22.54
C PRO A 114 16.75 19.24 21.70
N PRO A 115 16.46 18.55 20.56
CA PRO A 115 17.31 18.21 19.44
C PRO A 115 17.75 19.48 18.67
N VAL A 116 18.61 20.28 19.30
CA VAL A 116 19.23 21.47 18.71
C VAL A 116 20.57 21.70 19.41
N VAL A 117 21.68 21.73 18.67
CA VAL A 117 22.98 22.08 19.23
C VAL A 117 23.91 22.67 18.20
N ASN A 118 24.50 23.81 18.52
CA ASN A 118 25.62 24.24 17.70
C ASN A 118 26.89 23.52 18.14
N VAL A 119 27.52 22.87 17.18
CA VAL A 119 28.79 22.30 17.49
C VAL A 119 29.86 22.96 16.65
N THR A 120 30.98 23.27 17.31
CA THR A 120 32.11 23.93 16.68
C THR A 120 33.35 23.31 17.32
N TRP A 121 34.32 22.90 16.50
CA TRP A 121 35.65 22.53 17.03
C TRP A 121 36.64 23.72 17.02
N LEU A 122 37.70 23.61 17.82
CA LEU A 122 38.59 24.76 18.08
C LEU A 122 40.08 24.41 18.22
N ARG A 123 40.77 24.35 17.07
CA ARG A 123 42.20 24.04 17.00
C ARG A 123 43.04 25.21 17.50
N ASN A 124 43.38 25.15 18.78
CA ASN A 124 44.10 26.21 19.49
C ASN A 124 43.24 27.44 19.84
N GLY A 125 41.92 27.30 19.69
CA GLY A 125 41.00 28.43 19.89
C GLY A 125 40.58 29.10 18.59
N LYS A 126 40.96 28.50 17.47
CA LYS A 126 40.53 28.98 16.16
C LYS A 126 39.67 27.91 15.46
N PRO A 127 38.37 28.21 15.25
CA PRO A 127 37.40 27.30 14.63
C PRO A 127 37.90 26.71 13.33
N VAL A 128 37.63 25.43 13.11
CA VAL A 128 38.07 24.73 11.90
C VAL A 128 37.00 23.78 11.42
N THR A 129 36.59 23.91 10.14
CA THR A 129 35.45 23.15 9.59
C THR A 129 35.78 22.33 8.34
N THR A 130 37.00 21.84 8.31
CA THR A 130 37.53 21.14 7.15
C THR A 130 37.93 19.74 7.60
N GLY A 131 37.11 18.77 7.24
CA GLY A 131 37.24 17.42 7.79
C GLY A 131 35.97 16.98 8.53
N VAL A 132 35.21 17.94 9.08
CA VAL A 132 34.06 17.67 9.95
C VAL A 132 32.97 16.87 9.26
N SER A 133 32.35 16.00 10.03
CA SER A 133 31.09 15.41 9.65
C SER A 133 30.42 15.24 10.99
N GLU A 134 29.25 14.63 10.97
CA GLU A 134 28.49 14.49 12.19
C GLU A 134 27.26 13.62 11.98
N THR A 135 26.88 12.87 13.01
CA THR A 135 25.64 12.12 13.05
C THR A 135 24.46 13.04 13.24
N VAL A 136 23.24 12.53 13.06
CA VAL A 136 22.07 13.33 13.38
C VAL A 136 21.56 12.99 14.81
N PHE A 137 20.28 13.18 15.07
CA PHE A 137 19.85 13.04 16.46
C PHE A 137 19.44 11.62 16.78
N LEU A 138 20.06 10.99 17.78
CA LEU A 138 19.74 9.59 18.05
C LEU A 138 18.91 9.37 19.32
N PRO A 139 17.96 8.43 19.25
CA PRO A 139 17.11 8.17 20.42
C PRO A 139 17.82 7.49 21.53
N ARG A 140 17.20 7.62 22.69
CA ARG A 140 17.56 6.97 23.92
C ARG A 140 16.27 6.53 24.59
N GLU A 141 16.37 5.56 25.47
CA GLU A 141 15.25 5.02 26.26
C GLU A 141 14.54 6.11 27.06
N ASP A 142 15.28 6.92 27.82
CA ASP A 142 14.68 8.04 28.56
C ASP A 142 14.04 9.10 27.66
N HIS A 143 14.34 9.07 26.37
CA HIS A 143 13.76 9.98 25.40
C HIS A 143 14.55 11.26 25.19
N LEU A 144 15.70 11.33 25.84
CA LEU A 144 16.65 12.36 25.53
C LEU A 144 17.34 11.94 24.22
N PHE A 145 18.38 12.64 23.79
CA PHE A 145 18.97 12.38 22.48
C PHE A 145 20.46 12.24 22.56
N ARG A 146 20.99 11.49 21.60
CA ARG A 146 22.39 11.21 21.51
C ARG A 146 22.86 11.94 20.30
N LYS A 147 24.08 12.44 20.29
CA LYS A 147 24.69 12.91 19.03
C LYS A 147 26.20 12.81 18.96
N PHE A 148 26.75 12.75 17.73
CA PHE A 148 28.21 12.61 17.47
C PHE A 148 28.79 13.54 16.41
N HIS A 149 29.89 14.19 16.76
CA HIS A 149 30.67 14.98 15.80
C HIS A 149 32.08 14.44 15.71
N TYR A 150 32.58 14.39 14.47
CA TYR A 150 33.95 13.99 14.17
C TYR A 150 34.73 15.17 13.61
N LEU A 151 35.99 15.23 14.03
CA LEU A 151 37.01 16.02 13.35
C LEU A 151 38.33 15.21 13.20
N PRO A 152 38.65 14.75 11.96
CA PRO A 152 39.91 14.02 11.74
C PRO A 152 41.13 14.94 11.69
N PHE A 153 42.28 14.47 12.17
CA PHE A 153 43.46 15.32 12.32
C PHE A 153 44.80 14.58 12.36
N LEU A 154 45.89 15.35 12.20
CA LEU A 154 47.24 14.83 12.49
C LEU A 154 47.61 15.26 13.91
N PRO A 155 47.90 14.28 14.81
CA PRO A 155 48.26 14.64 16.19
C PRO A 155 49.62 15.33 16.30
N SER A 156 49.70 16.33 17.18
CA SER A 156 50.91 17.11 17.39
C SER A 156 51.29 17.19 18.86
N THR A 157 52.45 17.77 19.11
CA THR A 157 52.82 18.13 20.47
C THR A 157 52.28 19.52 20.84
N GLU A 158 51.87 20.27 19.78
CA GLU A 158 51.48 21.69 19.92
C GLU A 158 50.04 21.95 20.34
N ASP A 159 49.10 21.37 19.59
CA ASP A 159 47.69 21.84 19.60
C ASP A 159 46.82 21.42 20.78
N VAL A 160 46.10 22.41 21.29
CA VAL A 160 44.88 22.17 22.08
C VAL A 160 43.69 22.10 21.08
N TYR A 161 42.70 21.26 21.39
CA TYR A 161 41.40 21.23 20.70
C TYR A 161 40.31 21.33 21.74
N ASP A 162 39.20 21.94 21.37
CA ASP A 162 38.04 21.97 22.22
C ASP A 162 36.89 21.67 21.32
N CYS A 163 35.90 20.94 21.86
CA CYS A 163 34.63 20.73 21.21
C CYS A 163 33.67 21.69 21.85
N ARG A 164 33.25 22.70 21.11
CA ARG A 164 32.40 23.75 21.65
C ARG A 164 30.92 23.50 21.27
N VAL A 165 30.16 22.99 22.25
CA VAL A 165 28.73 22.75 22.09
C VAL A 165 27.89 23.77 22.82
N GLU A 166 26.83 24.22 22.16
CA GLU A 166 25.90 25.22 22.67
C GLU A 166 24.50 24.64 22.80
N HIS A 167 23.93 24.76 23.99
CA HIS A 167 22.60 24.26 24.22
C HIS A 167 21.87 25.15 25.17
N TRP A 168 20.55 25.13 25.08
CA TRP A 168 19.74 25.97 25.95
C TRP A 168 19.66 25.45 27.37
N GLY A 169 20.26 24.29 27.61
CA GLY A 169 20.45 23.82 28.98
C GLY A 169 21.53 24.64 29.65
N LEU A 170 22.68 24.75 28.99
CA LEU A 170 23.87 25.40 29.53
C LEU A 170 23.67 26.89 29.51
N ASP A 171 24.34 27.60 30.40
CA ASP A 171 24.27 29.06 30.39
C ASP A 171 25.35 29.56 29.49
N GLU A 172 26.42 28.78 29.45
CA GLU A 172 27.53 29.06 28.54
C GLU A 172 27.98 27.80 27.86
N PRO A 173 28.38 27.94 26.58
CA PRO A 173 28.88 26.86 25.77
C PRO A 173 29.74 25.97 26.60
N LEU A 174 29.56 24.67 26.45
CA LEU A 174 30.46 23.76 27.10
C LEU A 174 31.63 23.57 26.14
N LEU A 175 32.83 23.79 26.66
CA LEU A 175 34.04 23.56 25.89
C LEU A 175 34.66 22.35 26.54
N LYS A 176 34.96 21.29 25.78
CA LYS A 176 35.78 20.26 26.38
C LYS A 176 37.17 20.05 25.78
N HIS A 177 38.16 20.26 26.65
CA HIS A 177 39.57 20.24 26.30
C HIS A 177 39.98 18.84 25.86
N TRP A 178 40.63 18.75 24.70
CA TRP A 178 41.53 17.62 24.43
C TRP A 178 42.96 18.02 24.08
N GLU A 179 43.91 17.56 24.89
CA GLU A 179 45.30 17.63 24.51
C GLU A 179 45.87 16.22 24.41
N PHE A 180 47.02 16.14 23.59
CA PHE A 180 47.73 14.82 23.64
C PHE A 180 48.63 14.76 24.90
N ASP A 181 48.09 14.01 25.91
CA ASP A 181 48.80 13.81 27.18
C ASP A 181 50.07 13.00 26.91
N GLY B 1 22.53 32.91 19.42
CA GLY B 1 21.87 33.94 20.28
C GLY B 1 20.54 33.42 20.83
N ASP B 2 19.89 34.28 21.64
CA ASP B 2 18.64 34.03 22.41
C ASP B 2 17.52 33.15 21.84
N THR B 3 16.45 32.95 22.63
CA THR B 3 15.35 32.19 22.13
C THR B 3 14.28 31.71 23.18
N ARG B 4 13.31 30.92 22.71
CA ARG B 4 11.93 30.83 23.21
C ARG B 4 11.38 29.40 23.44
N PRO B 5 10.20 29.28 24.07
CA PRO B 5 9.54 28.01 24.41
C PRO B 5 9.47 26.93 23.29
N ARG B 6 9.96 25.72 23.58
CA ARG B 6 10.02 24.70 22.59
C ARG B 6 9.02 23.57 22.84
N PHE B 7 8.48 22.95 21.76
CA PHE B 7 7.45 21.89 21.84
C PHE B 7 7.70 20.71 20.89
N LEU B 8 7.79 19.53 21.46
CA LEU B 8 8.37 18.42 20.79
C LEU B 8 7.50 17.18 20.90
N TRP B 9 7.32 16.51 19.74
CA TRP B 9 6.69 15.19 19.61
C TRP B 9 7.59 14.16 19.01
N GLN B 10 7.61 12.98 19.62
CA GLN B 10 8.39 11.87 19.11
C GLN B 10 7.47 10.70 18.82
N LEU B 11 7.75 10.02 17.71
CA LEU B 11 7.19 8.67 17.46
C LEU B 11 8.34 7.66 17.15
N LYS B 12 8.47 6.65 18.00
CA LYS B 12 9.49 5.63 17.83
C LYS B 12 8.76 4.30 17.77
N PHE B 13 9.11 3.49 16.77
CA PHE B 13 8.66 2.11 16.77
C PHE B 13 9.82 1.24 17.06
N GLU B 14 9.77 0.57 18.21
CA GLU B 14 10.86 -0.32 18.59
C GLU B 14 10.52 -1.78 18.28
N CYS B 15 11.34 -2.42 17.45
CA CYS B 15 11.27 -3.88 17.25
C CYS B 15 12.29 -4.51 18.14
N HIS B 16 11.85 -5.40 19.03
CA HIS B 16 12.79 -6.05 19.93
C HIS B 16 12.83 -7.52 19.55
N PHE B 17 14.05 -8.08 19.54
CA PHE B 17 14.30 -9.42 19.02
C PHE B 17 15.01 -10.32 20.03
N PHE B 18 14.33 -11.41 20.35
CA PHE B 18 14.85 -12.45 21.24
C PHE B 18 15.19 -13.70 20.46
N ASN B 19 16.36 -14.26 20.73
CA ASN B 19 16.73 -15.57 20.21
C ASN B 19 16.41 -15.67 18.68
N GLY B 20 17.26 -15.05 17.86
CA GLY B 20 16.99 -14.88 16.43
C GLY B 20 15.75 -14.01 16.23
N THR B 21 14.73 -14.55 15.58
CA THR B 21 13.47 -13.88 15.54
C THR B 21 12.42 -14.81 16.13
N GLU B 22 12.83 -15.67 17.05
CA GLU B 22 11.81 -16.60 17.56
C GLU B 22 10.77 -15.91 18.45
N ARG B 23 11.17 -14.97 19.29
CA ARG B 23 10.20 -14.10 19.98
C ARG B 23 10.38 -12.64 19.57
N VAL B 24 9.28 -12.02 19.13
CA VAL B 24 9.33 -10.65 18.69
C VAL B 24 8.27 -9.79 19.32
N ARG B 25 8.71 -8.60 19.71
CA ARG B 25 7.85 -7.63 20.33
C ARG B 25 8.03 -6.29 19.63
N LEU B 26 6.91 -5.66 19.34
CA LEU B 26 6.84 -4.34 18.84
C LEU B 26 6.35 -3.43 19.96
N LEU B 27 7.10 -2.35 20.19
CA LEU B 27 6.70 -1.28 21.08
C LEU B 27 6.60 0.09 20.32
N GLU B 28 5.36 0.60 20.19
CA GLU B 28 5.06 1.84 19.49
C GLU B 28 4.93 2.94 20.53
N ARG B 29 5.62 4.04 20.36
CA ARG B 29 5.66 4.98 21.47
C ARG B 29 5.53 6.42 21.02
N CYS B 30 4.72 7.18 21.76
CA CYS B 30 4.53 8.62 21.54
C CYS B 30 5.07 9.39 22.72
N ILE B 31 5.89 10.40 22.42
CA ILE B 31 6.44 11.27 23.47
C ILE B 31 6.22 12.73 23.12
N TYR B 32 5.61 13.44 24.06
CA TYR B 32 5.42 14.84 23.97
C TYR B 32 6.34 15.39 25.06
N ASN B 33 7.36 16.16 24.69
CA ASN B 33 8.14 16.86 25.70
C ASN B 33 8.69 15.92 26.76
N GLN B 34 9.13 14.73 26.35
CA GLN B 34 9.78 13.86 27.37
C GLN B 34 8.80 13.08 28.24
N GLU B 35 7.54 13.11 27.83
CA GLU B 35 6.47 12.37 28.48
C GLU B 35 5.88 11.40 27.44
N GLU B 36 6.17 10.11 27.62
CA GLU B 36 5.44 9.12 26.86
C GLU B 36 3.95 9.29 27.18
N SER B 37 3.07 9.18 26.18
CA SER B 37 1.72 9.43 26.56
C SER B 37 0.77 8.38 26.09
N VAL B 38 1.15 7.59 25.10
CA VAL B 38 0.31 6.50 24.71
C VAL B 38 1.23 5.52 24.04
N ARG B 39 0.95 4.21 24.13
CA ARG B 39 1.76 3.19 23.42
C ARG B 39 0.94 2.02 22.74
N PHE B 40 1.55 1.30 21.80
CA PHE B 40 1.06 0.01 21.40
C PHE B 40 2.13 -1.05 21.59
N ASP B 41 1.77 -2.12 22.32
CA ASP B 41 2.72 -3.17 22.65
C ASP B 41 2.10 -4.48 22.22
N SER B 42 2.72 -5.09 21.22
CA SER B 42 2.19 -6.28 20.55
C SER B 42 1.82 -7.36 21.54
N ASP B 43 2.50 -7.39 22.70
CA ASP B 43 2.12 -8.36 23.74
C ASP B 43 0.93 -7.96 24.57
N VAL B 44 0.49 -6.71 24.44
CA VAL B 44 -0.77 -6.25 25.02
C VAL B 44 -1.88 -6.15 23.90
N GLY B 45 -1.43 -5.83 22.68
CA GLY B 45 -2.29 -5.96 21.50
C GLY B 45 -3.28 -4.82 21.25
N GLU B 46 -2.97 -3.66 21.82
CA GLU B 46 -3.84 -2.48 21.76
C GLU B 46 -3.20 -1.31 22.48
N TYR B 47 -3.66 -0.12 22.16
CA TYR B 47 -3.07 1.05 22.78
C TYR B 47 -3.50 1.29 24.25
N ARG B 48 -2.60 1.93 25.00
CA ARG B 48 -2.79 2.31 26.39
C ARG B 48 -2.36 3.75 26.61
N ALA B 49 -3.17 4.57 27.25
CA ALA B 49 -2.64 5.86 27.70
C ALA B 49 -1.51 5.45 28.57
N VAL B 50 -0.34 6.01 28.38
CA VAL B 50 0.68 5.92 29.42
C VAL B 50 0.36 7.05 30.39
N THR B 51 -0.01 8.22 29.91
CA THR B 51 -0.58 9.20 30.83
C THR B 51 -1.93 9.68 30.29
N GLU B 52 -2.61 10.44 31.14
CA GLU B 52 -3.88 11.05 30.82
C GLU B 52 -3.82 11.97 29.62
N LEU B 53 -2.66 12.54 29.31
CA LEU B 53 -2.53 13.28 28.05
C LEU B 53 -2.85 12.37 26.89
N GLY B 54 -2.34 11.16 26.92
CA GLY B 54 -2.56 10.25 25.83
C GLY B 54 -3.92 9.58 25.85
N ARG B 55 -4.66 9.66 26.97
CA ARG B 55 -5.93 8.93 27.09
C ARG B 55 -6.77 8.90 25.78
N PRO B 56 -7.09 10.07 25.20
CA PRO B 56 -7.97 10.07 24.00
C PRO B 56 -7.35 9.54 22.72
N ASP B 57 -6.02 9.48 22.67
CA ASP B 57 -5.36 8.87 21.54
C ASP B 57 -5.57 7.35 21.55
N ALA B 58 -5.44 6.74 22.73
CA ALA B 58 -5.78 5.33 22.93
C ALA B 58 -7.21 5.01 22.50
N GLU B 59 -8.16 5.64 23.18
CA GLU B 59 -9.56 5.44 22.87
C GLU B 59 -9.88 5.50 21.38
N TYR B 60 -9.34 6.50 20.70
CA TYR B 60 -9.62 6.65 19.29
C TYR B 60 -8.91 5.60 18.44
N TRP B 61 -7.61 5.40 18.69
CA TRP B 61 -6.86 4.43 17.91
C TRP B 61 -7.43 3.03 18.06
N ASN B 62 -7.76 2.68 19.30
CA ASN B 62 -8.40 1.40 19.63
C ASN B 62 -9.74 1.31 18.97
N SER B 63 -10.31 2.42 18.53
CA SER B 63 -11.66 2.33 17.90
C SER B 63 -11.60 1.94 16.42
N GLN B 64 -10.37 1.79 15.90
CA GLN B 64 -10.15 1.56 14.46
C GLN B 64 -9.55 0.22 14.17
N LYS B 65 -10.22 -0.57 13.36
CA LYS B 65 -9.85 -1.94 13.07
C LYS B 65 -8.52 -2.13 12.33
N ASP B 66 -8.41 -1.58 11.14
CA ASP B 66 -7.21 -1.66 10.35
C ASP B 66 -6.00 -1.16 11.10
N LEU B 67 -6.11 -0.03 11.79
CA LEU B 67 -4.93 0.33 12.63
C LEU B 67 -4.46 -0.80 13.54
N LEU B 68 -5.41 -1.36 14.29
CA LEU B 68 -5.19 -2.48 15.20
C LEU B 68 -4.76 -3.75 14.49
N GLU B 69 -5.39 -4.03 13.35
CA GLU B 69 -5.00 -5.21 12.63
C GLU B 69 -3.64 -4.98 12.05
N GLN B 70 -3.32 -3.78 11.64
CA GLN B 70 -2.01 -3.58 11.09
C GLN B 70 -0.99 -3.75 12.21
N ARG B 71 -1.10 -2.95 13.26
CA ARG B 71 -0.07 -3.07 14.28
C ARG B 71 0.10 -4.56 14.69
N ARG B 72 -0.99 -5.33 14.68
CA ARG B 72 -0.91 -6.67 15.27
C ARG B 72 -0.26 -7.63 14.29
N ALA B 73 0.05 -7.15 13.10
CA ALA B 73 0.68 -8.04 12.20
C ALA B 73 2.11 -7.58 12.06
N ALA B 74 2.34 -6.42 12.59
CA ALA B 74 3.59 -5.67 12.39
C ALA B 74 4.76 -6.53 12.76
N VAL B 75 4.48 -7.41 13.71
CA VAL B 75 5.53 -8.17 14.29
C VAL B 75 6.18 -9.04 13.22
N ASP B 76 5.38 -9.45 12.23
CA ASP B 76 5.83 -10.28 11.15
C ASP B 76 6.21 -9.43 9.88
N THR B 77 5.26 -8.59 9.47
CA THR B 77 5.30 -7.77 8.23
C THR B 77 6.27 -6.59 8.32
N TYR B 78 6.56 -6.14 9.54
CA TYR B 78 7.40 -5.00 9.72
C TYR B 78 8.64 -5.43 10.46
N CYS B 79 8.56 -5.82 11.73
CA CYS B 79 9.82 -6.24 12.46
C CYS B 79 10.58 -7.42 11.86
N ARG B 80 9.96 -8.59 11.86
CA ARG B 80 10.61 -9.72 11.19
C ARG B 80 11.13 -9.38 9.76
N HIS B 81 10.31 -8.68 8.95
CA HIS B 81 10.75 -8.38 7.57
C HIS B 81 12.08 -7.60 7.48
N ASN B 82 12.19 -6.58 8.34
CA ASN B 82 13.36 -5.74 8.41
C ASN B 82 14.48 -6.44 9.09
N TYR B 83 14.19 -7.39 9.97
CA TYR B 83 15.32 -8.16 10.55
C TYR B 83 15.98 -8.82 9.38
N GLY B 84 15.14 -9.45 8.55
CA GLY B 84 15.55 -10.17 7.36
C GLY B 84 16.34 -9.29 6.45
N VAL B 85 15.88 -8.09 6.15
CA VAL B 85 16.75 -7.21 5.32
C VAL B 85 18.08 -6.81 5.94
N GLY B 86 18.11 -6.58 7.26
CA GLY B 86 19.32 -6.08 7.94
C GLY B 86 20.29 -7.10 8.50
N GLU B 87 19.77 -8.19 9.04
CA GLU B 87 20.58 -9.35 9.39
C GLU B 87 22.08 -9.37 8.96
N SER B 88 22.36 -9.33 7.66
CA SER B 88 23.70 -9.72 7.20
C SER B 88 24.74 -8.69 7.50
N PHE B 89 24.32 -7.44 7.61
CA PHE B 89 25.26 -6.38 7.91
C PHE B 89 25.03 -5.73 9.25
N THR B 90 24.05 -6.21 10.02
CA THR B 90 23.86 -5.72 11.38
C THR B 90 24.05 -6.82 12.41
N VAL B 91 23.14 -7.80 12.39
CA VAL B 91 23.33 -8.94 13.30
C VAL B 91 24.66 -9.65 13.02
N GLN B 92 25.19 -9.55 11.81
CA GLN B 92 26.39 -10.30 11.50
C GLN B 92 27.58 -9.42 11.19
N ARG B 93 27.59 -8.22 11.72
CA ARG B 93 28.72 -7.34 11.46
C ARG B 93 29.82 -7.75 12.40
N ARG B 94 30.99 -8.01 11.82
CA ARG B 94 32.21 -8.34 12.54
C ARG B 94 33.31 -7.37 12.22
N VAL B 95 33.69 -6.52 13.16
CA VAL B 95 34.89 -5.75 12.95
C VAL B 95 35.79 -6.05 14.10
N GLU B 96 37.01 -6.47 13.78
CA GLU B 96 38.04 -6.95 14.73
C GLU B 96 38.81 -5.87 15.53
N PRO B 97 38.98 -6.02 16.82
CA PRO B 97 39.69 -5.00 17.61
C PRO B 97 41.13 -4.69 17.21
N LYS B 98 41.59 -3.49 17.49
CA LYS B 98 43.00 -3.19 17.41
C LYS B 98 43.41 -3.01 18.87
N VAL B 99 44.55 -3.56 19.27
CA VAL B 99 44.98 -3.41 20.66
C VAL B 99 46.30 -2.65 20.78
N THR B 100 46.53 -1.99 21.91
CA THR B 100 47.87 -1.53 22.30
C THR B 100 48.02 -1.61 23.80
N VAL B 101 49.25 -1.49 24.28
CA VAL B 101 49.51 -1.33 25.71
C VAL B 101 50.50 -0.20 25.88
N TYR B 102 50.54 0.38 27.09
CA TYR B 102 51.50 1.45 27.45
C TYR B 102 51.29 1.91 28.90
N PRO B 103 52.29 2.60 29.48
CA PRO B 103 52.02 3.33 30.72
C PRO B 103 51.58 4.75 30.44
N SER B 104 50.84 5.36 31.37
CA SER B 104 50.40 6.75 31.19
C SER B 104 51.54 7.74 31.38
N ASN B 113 52.37 3.84 39.44
CA ASN B 113 52.71 3.61 38.05
C ASN B 113 51.74 2.61 37.36
N LEU B 114 51.03 3.08 36.34
CA LEU B 114 49.80 2.42 35.90
C LEU B 114 49.82 1.88 34.45
N LEU B 115 48.89 0.98 34.10
CA LEU B 115 49.00 0.27 32.83
C LEU B 115 47.79 0.29 31.91
N VAL B 116 48.02 0.52 30.62
CA VAL B 116 46.90 0.72 29.72
C VAL B 116 46.76 -0.31 28.63
N CYS B 117 45.62 -0.94 28.60
CA CYS B 117 45.23 -1.75 27.47
C CYS B 117 44.16 -0.97 26.76
N SER B 118 44.46 -0.56 25.53
CA SER B 118 43.53 0.18 24.69
C SER B 118 42.95 -0.74 23.63
N VAL B 119 41.65 -0.89 23.61
CA VAL B 119 40.99 -1.77 22.62
C VAL B 119 40.03 -0.95 21.82
N SER B 120 40.23 -0.91 20.50
CA SER B 120 39.46 0.03 19.69
C SER B 120 38.92 -0.49 18.34
N GLY B 121 38.00 0.27 17.77
CA GLY B 121 37.58 0.12 16.38
C GLY B 121 36.78 -1.12 16.03
N PHE B 122 36.07 -1.70 17.01
CA PHE B 122 35.44 -3.03 16.91
C PHE B 122 33.92 -3.12 17.00
N TYR B 123 33.35 -4.27 16.58
CA TYR B 123 31.88 -4.37 16.51
C TYR B 123 31.22 -5.72 16.38
N PRO B 124 30.69 -6.22 17.48
CA PRO B 124 29.51 -5.98 18.23
C PRO B 124 30.09 -5.53 19.59
N GLY B 125 29.26 -4.99 20.48
CA GLY B 125 29.75 -4.45 21.74
C GLY B 125 30.39 -5.42 22.73
N SER B 126 29.91 -6.66 22.77
CA SER B 126 30.37 -7.56 23.82
C SER B 126 31.87 -7.85 23.67
N ILE B 127 32.58 -7.81 24.78
CA ILE B 127 34.00 -7.99 24.73
C ILE B 127 34.53 -8.27 26.13
N GLU B 128 35.55 -9.10 26.20
CA GLU B 128 36.13 -9.35 27.49
C GLU B 128 37.60 -9.16 27.43
N VAL B 129 38.14 -8.57 28.49
CA VAL B 129 39.53 -8.13 28.49
C VAL B 129 40.14 -8.44 29.85
N ARG B 130 41.15 -9.29 29.86
CA ARG B 130 41.70 -9.78 31.11
C ARG B 130 43.18 -9.38 31.17
N TRP B 131 43.73 -9.22 32.38
CA TRP B 131 45.15 -8.86 32.57
C TRP B 131 46.01 -10.00 33.13
N PHE B 132 47.21 -10.19 32.55
CA PHE B 132 48.15 -11.33 32.85
C PHE B 132 49.62 -10.99 33.23
N ARG B 133 50.12 -11.62 34.29
CA ARG B 133 51.45 -11.32 34.83
C ARG B 133 52.30 -12.60 34.90
N ASN B 134 53.16 -12.76 33.90
CA ASN B 134 53.97 -13.97 33.68
C ASN B 134 53.18 -15.24 33.38
N GLY B 135 51.88 -15.10 33.13
CA GLY B 135 50.99 -16.24 32.96
C GLY B 135 49.84 -16.24 33.94
N GLN B 136 50.13 -15.96 35.20
CA GLN B 136 49.09 -15.92 36.23
C GLN B 136 48.23 -14.66 36.09
N GLU B 137 46.92 -14.87 36.13
CA GLU B 137 45.93 -13.80 35.84
C GLU B 137 45.80 -12.86 37.03
N GLU B 138 45.54 -11.58 36.75
CA GLU B 138 45.50 -10.56 37.80
C GLU B 138 44.11 -9.94 38.01
N LYS B 139 43.46 -10.25 39.12
CA LYS B 139 42.07 -9.79 39.31
C LYS B 139 41.96 -8.41 39.98
N ALA B 140 42.85 -8.18 40.94
CA ALA B 140 42.85 -7.01 41.82
C ALA B 140 43.12 -5.68 41.09
N GLY B 141 42.23 -4.72 41.32
CA GLY B 141 42.41 -3.36 40.82
C GLY B 141 42.63 -3.29 39.33
N VAL B 142 41.78 -4.00 38.57
CA VAL B 142 41.58 -3.73 37.15
C VAL B 142 40.63 -2.56 37.09
N VAL B 143 41.11 -1.41 36.63
CA VAL B 143 40.22 -0.30 36.44
C VAL B 143 39.79 -0.38 34.98
N SER B 144 38.51 -0.11 34.73
CA SER B 144 37.88 -0.29 33.41
C SER B 144 36.90 0.85 33.16
N THR B 145 37.23 1.74 32.23
CA THR B 145 36.36 2.87 31.91
C THR B 145 34.99 2.39 31.45
N GLY B 146 34.85 1.10 31.22
CA GLY B 146 33.61 0.57 30.67
C GLY B 146 33.62 0.77 29.16
N LEU B 147 32.48 0.44 28.55
CA LEU B 147 32.36 0.22 27.11
C LEU B 147 31.79 1.44 26.43
N ILE B 148 32.39 1.83 25.32
CA ILE B 148 32.02 3.11 24.70
C ILE B 148 31.66 2.97 23.23
N GLN B 149 30.48 3.52 22.89
CA GLN B 149 29.85 3.45 21.58
C GLN B 149 30.21 4.67 20.72
N ASN B 150 30.99 4.46 19.65
CA ASN B 150 31.62 5.55 18.88
C ASN B 150 30.72 6.37 17.94
N GLY B 151 29.51 5.88 17.63
CA GLY B 151 28.58 6.58 16.74
C GLY B 151 28.64 6.09 15.29
N ASP B 152 29.63 5.24 15.02
CA ASP B 152 30.00 4.84 13.64
C ASP B 152 30.20 3.33 13.58
N TRP B 153 29.41 2.61 14.37
CA TRP B 153 29.40 1.15 14.34
C TRP B 153 30.75 0.57 14.68
N THR B 154 31.45 1.24 15.59
CA THR B 154 32.67 0.67 16.15
C THR B 154 32.67 1.11 17.57
N PHE B 155 33.27 0.31 18.43
CA PHE B 155 33.34 0.63 19.87
C PHE B 155 34.78 0.73 20.29
N GLN B 156 34.97 1.06 21.58
CA GLN B 156 36.30 1.11 22.22
C GLN B 156 36.12 1.08 23.73
N THR B 157 37.21 0.74 24.43
CA THR B 157 37.28 0.72 25.88
C THR B 157 38.75 0.72 26.38
N LEU B 158 38.96 1.05 27.64
CA LEU B 158 40.32 1.05 28.14
C LEU B 158 40.30 0.30 29.43
N VAL B 159 41.30 -0.55 29.60
CA VAL B 159 41.48 -1.25 30.88
C VAL B 159 42.86 -0.98 31.52
N MET B 160 42.85 -0.56 32.78
CA MET B 160 44.09 -0.26 33.46
C MET B 160 44.38 -1.28 34.55
N LEU B 161 45.68 -1.47 34.78
CA LEU B 161 46.18 -2.26 35.87
C LEU B 161 47.11 -1.36 36.69
N GLU B 162 46.83 -1.25 37.97
CA GLU B 162 47.70 -0.53 38.87
C GLU B 162 48.71 -1.56 39.33
N THR B 163 49.89 -1.56 38.71
CA THR B 163 51.04 -2.30 39.26
C THR B 163 52.33 -1.61 38.90
N VAL B 164 53.14 -1.30 39.92
CA VAL B 164 54.52 -0.90 39.67
C VAL B 164 55.25 -2.13 39.17
N PRO B 165 55.72 -2.06 37.92
CA PRO B 165 56.56 -3.11 37.38
C PRO B 165 57.90 -3.20 38.11
N ARG B 166 58.51 -4.38 37.97
CA ARG B 166 59.92 -4.60 38.25
C ARG B 166 60.55 -5.07 36.94
N SER B 167 61.88 -5.13 36.91
CA SER B 167 62.58 -5.48 35.66
C SER B 167 62.46 -6.97 35.37
N GLY B 168 62.62 -7.31 34.08
CA GLY B 168 62.18 -8.60 33.55
C GLY B 168 60.68 -8.50 33.24
N GLU B 169 59.86 -8.79 34.26
CA GLU B 169 58.38 -8.87 34.25
C GLU B 169 57.68 -8.72 32.90
N VAL B 170 56.84 -9.70 32.58
CA VAL B 170 56.05 -9.70 31.35
C VAL B 170 54.56 -9.60 31.66
N TYR B 171 54.02 -8.40 31.51
CA TYR B 171 52.59 -8.19 31.63
C TYR B 171 51.99 -8.41 30.23
N THR B 172 50.93 -9.21 30.13
CA THR B 172 50.25 -9.45 28.86
C THR B 172 48.76 -9.11 28.96
N CYS B 173 48.22 -8.47 27.92
CA CYS B 173 46.78 -8.14 27.81
C CYS B 173 46.05 -9.08 26.84
N GLN B 174 45.10 -9.89 27.36
CA GLN B 174 44.32 -10.81 26.53
C GLN B 174 43.00 -10.23 26.17
N VAL B 175 42.58 -10.39 24.93
CA VAL B 175 41.34 -9.77 24.52
C VAL B 175 40.49 -10.77 23.77
N GLU B 176 39.18 -10.79 24.04
CA GLU B 176 38.30 -11.80 23.45
C GLU B 176 37.02 -11.25 22.89
N HIS B 177 36.72 -11.67 21.66
CA HIS B 177 35.71 -11.02 20.85
C HIS B 177 35.19 -11.95 19.77
N PRO B 178 33.87 -11.91 19.48
CA PRO B 178 33.32 -12.89 18.52
C PRO B 178 33.75 -12.71 17.06
N SER B 179 34.66 -11.78 16.81
CA SER B 179 35.19 -11.62 15.44
C SER B 179 36.50 -12.40 15.26
N VAL B 180 37.05 -12.92 16.34
CA VAL B 180 38.24 -13.72 16.23
C VAL B 180 38.00 -15.01 16.97
N THR B 181 38.15 -16.12 16.26
CA THR B 181 37.97 -17.43 16.85
C THR B 181 39.03 -17.63 17.95
N SER B 182 40.22 -17.05 17.76
CA SER B 182 41.31 -17.10 18.74
C SER B 182 41.44 -15.80 19.56
N PRO B 183 41.90 -15.90 20.82
CA PRO B 183 42.10 -14.68 21.63
C PRO B 183 43.17 -13.78 21.06
N LEU B 184 42.96 -12.47 21.08
CA LEU B 184 44.07 -11.55 20.78
C LEU B 184 44.92 -11.17 22.03
N THR B 185 46.19 -11.53 22.02
CA THR B 185 47.11 -11.20 23.14
C THR B 185 48.18 -10.20 22.72
N VAL B 186 48.47 -9.23 23.58
CA VAL B 186 49.54 -8.23 23.32
C VAL B 186 50.36 -7.88 24.57
N GLU B 187 51.64 -8.28 24.58
CA GLU B 187 52.50 -8.21 25.78
C GLU B 187 53.31 -6.90 25.97
N TRP B 188 53.74 -6.64 27.21
CA TRP B 188 54.58 -5.49 27.57
C TRP B 188 55.67 -5.86 28.62
N ARG B 189 56.89 -5.38 28.42
CA ARG B 189 58.00 -5.69 29.33
C ARG B 189 58.67 -4.43 29.89
N ALA B 190 59.06 -4.45 31.18
CA ALA B 190 59.80 -3.29 31.71
C ALA B 190 61.35 -3.62 31.55
N GLY C 1 19.41 -3.13 -2.35
CA GLY C 1 19.08 -4.60 -2.30
C GLY C 1 17.61 -4.75 -2.00
N GLU C 2 17.25 -5.46 -0.93
CA GLU C 2 15.84 -5.48 -0.50
C GLU C 2 15.42 -4.18 0.26
N LEU C 3 14.13 -3.85 0.18
CA LEU C 3 13.52 -2.66 0.79
C LEU C 3 13.26 -2.71 2.32
N ILE C 4 13.73 -1.71 3.03
CA ILE C 4 13.35 -1.57 4.41
C ILE C 4 11.90 -1.06 4.47
N GLY C 5 11.09 -1.64 5.39
CA GLY C 5 9.68 -1.27 5.57
C GLY C 5 9.44 -0.29 6.73
N ILE C 6 8.33 0.44 6.68
CA ILE C 6 8.04 1.42 7.73
C ILE C 6 6.73 1.08 8.38
N LEU C 7 6.37 1.79 9.41
CA LEU C 7 5.01 1.71 9.83
C LEU C 7 4.58 3.19 9.88
N ASN C 8 3.32 3.46 9.56
CA ASN C 8 2.85 4.81 9.44
C ASN C 8 2.22 5.31 10.66
N ALA C 9 2.68 6.50 11.03
CA ALA C 9 2.08 7.34 12.07
C ALA C 9 0.56 7.28 12.08
N ALA C 10 0.01 7.06 13.28
CA ALA C 10 -1.43 7.09 13.46
C ALA C 10 -1.72 8.56 13.71
N LYS C 11 -2.78 9.11 13.09
CA LYS C 11 -3.10 10.54 13.30
C LYS C 11 -3.87 10.65 14.58
N VAL C 12 -3.50 11.57 15.47
CA VAL C 12 -4.31 11.86 16.66
C VAL C 12 -5.68 12.37 16.25
N PRO C 13 -6.68 12.31 17.13
CA PRO C 13 -8.01 12.78 16.73
C PRO C 13 -8.15 14.31 16.63
N ALA C 14 -8.91 14.78 15.64
CA ALA C 14 -8.98 16.22 15.34
C ALA C 14 -9.59 17.03 16.49
N ASP C 15 -9.07 18.25 16.72
CA ASP C 15 -9.56 19.26 17.74
C ASP C 15 -11.04 19.19 18.11
N ILE D 1 8.88 -5.01 -5.75
CA ILE D 1 8.28 -5.62 -6.98
C ILE D 1 6.82 -6.18 -6.92
N GLN D 2 6.66 -7.52 -6.78
CA GLN D 2 5.56 -8.26 -7.44
C GLN D 2 4.64 -9.21 -6.68
N VAL D 3 3.53 -9.50 -7.36
CA VAL D 3 2.39 -10.22 -6.82
C VAL D 3 1.94 -11.27 -7.83
N GLU D 4 1.89 -12.52 -7.41
CA GLU D 4 1.80 -13.64 -8.34
C GLU D 4 0.58 -14.43 -7.93
N GLN D 5 -0.48 -14.25 -8.71
CA GLN D 5 -1.74 -14.89 -8.46
C GLN D 5 -1.67 -16.28 -9.02
N SER D 6 -2.02 -17.26 -8.20
CA SER D 6 -2.20 -18.62 -8.74
C SER D 6 -3.59 -18.47 -9.42
N PRO D 7 -4.43 -19.51 -9.57
CA PRO D 7 -4.92 -19.98 -10.93
C PRO D 7 -5.32 -18.86 -11.85
N PRO D 8 -4.84 -18.85 -13.11
CA PRO D 8 -5.15 -17.65 -13.91
C PRO D 8 -6.62 -17.64 -14.37
N ASP D 9 -7.26 -18.83 -14.31
CA ASP D 9 -8.71 -19.03 -14.63
C ASP D 9 -9.28 -20.20 -13.86
N LEU D 10 -10.54 -20.07 -13.49
CA LEU D 10 -11.22 -21.07 -12.70
C LEU D 10 -12.71 -21.15 -13.05
N ILE D 11 -13.17 -22.31 -13.45
CA ILE D 11 -14.62 -22.46 -13.75
C ILE D 11 -15.26 -23.58 -12.98
N LEU D 12 -16.25 -23.28 -12.13
CA LEU D 12 -16.83 -24.26 -11.21
C LEU D 12 -18.37 -24.29 -11.22
N GLN D 13 -18.98 -25.43 -10.92
CA GLN D 13 -20.44 -25.44 -10.73
C GLN D 13 -20.85 -24.88 -9.36
N GLU D 14 -21.80 -23.95 -9.38
CA GLU D 14 -22.30 -23.32 -8.15
C GLU D 14 -22.47 -24.37 -7.05
N GLY D 15 -22.12 -23.97 -5.83
CA GLY D 15 -22.15 -24.86 -4.67
C GLY D 15 -20.75 -25.38 -4.40
N ALA D 16 -19.91 -25.46 -5.43
CA ALA D 16 -18.51 -25.86 -5.26
C ALA D 16 -17.71 -24.89 -4.38
N ASN D 17 -16.65 -25.35 -3.71
CA ASN D 17 -15.68 -24.44 -3.06
C ASN D 17 -14.53 -24.10 -3.98
N SER D 18 -13.95 -22.96 -3.74
CA SER D 18 -12.88 -22.47 -4.54
C SER D 18 -11.74 -22.16 -3.62
N THR D 19 -10.52 -22.51 -4.03
CA THR D 19 -9.34 -21.90 -3.41
C THR D 19 -8.58 -21.03 -4.42
N LEU D 20 -8.37 -19.76 -4.09
CA LEU D 20 -7.58 -18.85 -4.91
C LEU D 20 -6.30 -18.60 -4.13
N ARG D 21 -5.26 -18.13 -4.81
CA ARG D 21 -3.97 -18.18 -4.21
C ARG D 21 -3.09 -17.07 -4.72
N CYS D 22 -2.19 -16.58 -3.88
CA CYS D 22 -1.38 -15.42 -4.24
C CYS D 22 -0.07 -15.44 -3.50
N ASN D 23 1.04 -15.29 -4.22
CA ASN D 23 2.39 -15.29 -3.62
C ASN D 23 3.00 -13.96 -3.90
N PHE D 24 3.86 -13.46 -3.02
CA PHE D 24 4.29 -12.10 -3.19
C PHE D 24 5.71 -11.91 -2.73
N SER D 25 6.42 -10.97 -3.34
CA SER D 25 7.86 -10.73 -3.11
C SER D 25 8.10 -10.13 -1.75
N ASP D 26 9.29 -10.32 -1.20
CA ASP D 26 9.62 -9.65 0.06
C ASP D 26 9.61 -8.11 -0.07
N SER D 27 9.34 -7.57 -1.26
CA SER D 27 9.33 -6.11 -1.44
C SER D 27 7.98 -5.47 -1.10
N VAL D 28 6.97 -6.33 -0.96
CA VAL D 28 5.64 -5.82 -0.71
C VAL D 28 5.02 -6.58 0.41
N ASN D 29 3.95 -6.05 0.99
CA ASN D 29 3.32 -6.74 2.07
C ASN D 29 1.91 -6.23 2.35
N ASN D 30 1.30 -6.72 3.44
CA ASN D 30 0.04 -6.18 3.97
C ASN D 30 -1.10 -6.50 3.08
N LEU D 31 -1.39 -7.75 3.01
CA LEU D 31 -2.07 -8.23 1.85
C LEU D 31 -3.63 -8.16 1.91
N GLN D 32 -4.23 -7.72 0.82
CA GLN D 32 -5.66 -7.50 0.74
C GLN D 32 -6.18 -8.39 -0.38
N TRP D 33 -7.52 -8.60 -0.43
CA TRP D 33 -8.16 -9.25 -1.58
C TRP D 33 -9.38 -8.46 -2.04
N PHE D 34 -9.53 -8.28 -3.38
CA PHE D 34 -10.71 -7.57 -3.97
C PHE D 34 -11.49 -8.43 -4.94
N HIS D 35 -12.79 -8.13 -5.07
CA HIS D 35 -13.60 -8.73 -6.13
C HIS D 35 -14.00 -7.66 -7.14
N GLN D 36 -13.73 -7.91 -8.41
CA GLN D 36 -14.20 -7.02 -9.44
C GLN D 36 -15.40 -7.68 -10.09
N ASN D 37 -16.60 -7.20 -9.78
CA ASN D 37 -17.78 -7.81 -10.35
C ASN D 37 -17.78 -7.50 -11.83
N PRO D 38 -18.62 -8.18 -12.61
CA PRO D 38 -18.49 -7.98 -14.06
C PRO D 38 -19.01 -6.67 -14.63
N TRP D 39 -19.56 -5.76 -13.82
CA TRP D 39 -19.74 -4.38 -14.25
C TRP D 39 -18.62 -3.52 -13.76
N GLY D 40 -17.53 -4.18 -13.47
CA GLY D 40 -16.29 -3.55 -13.04
C GLY D 40 -16.19 -2.81 -11.71
N GLN D 41 -17.14 -3.04 -10.80
CA GLN D 41 -17.00 -2.42 -9.48
C GLN D 41 -15.95 -3.15 -8.66
N LEU D 42 -15.12 -2.41 -7.95
CA LEU D 42 -14.01 -3.02 -7.17
C LEU D 42 -14.31 -3.17 -5.70
N ILE D 43 -14.76 -4.34 -5.29
CA ILE D 43 -15.18 -4.52 -3.89
C ILE D 43 -13.97 -4.92 -3.04
N ASN D 44 -13.87 -4.41 -1.81
CA ASN D 44 -12.86 -5.01 -0.89
C ASN D 44 -13.40 -6.19 -0.10
N LEU D 45 -12.62 -7.27 -0.04
CA LEU D 45 -13.09 -8.48 0.64
C LEU D 45 -12.43 -8.65 1.95
N PHE D 46 -11.11 -8.46 2.01
CA PHE D 46 -10.45 -8.51 3.31
C PHE D 46 -9.28 -7.65 3.26
N TYR D 47 -9.00 -7.05 4.40
CA TYR D 47 -7.64 -6.71 4.71
C TYR D 47 -7.27 -7.95 5.49
N ILE D 48 -6.07 -8.54 5.24
CA ILE D 48 -5.69 -9.81 5.88
C ILE D 48 -4.16 -9.95 5.89
N PRO D 49 -3.53 -9.13 6.70
CA PRO D 49 -2.09 -9.13 6.89
C PRO D 49 -1.50 -10.45 7.34
N SER D 50 -2.21 -11.17 8.21
CA SER D 50 -1.68 -12.31 8.94
C SER D 50 -2.87 -13.09 9.51
N GLY D 51 -2.81 -14.41 9.50
CA GLY D 51 -3.84 -15.19 10.16
C GLY D 51 -5.13 -15.34 9.38
N THR D 52 -6.17 -15.76 10.09
CA THR D 52 -7.44 -16.02 9.44
C THR D 52 -8.53 -14.99 9.81
N LYS D 53 -9.26 -14.58 8.78
CA LYS D 53 -10.48 -13.82 8.85
C LYS D 53 -11.48 -14.54 7.98
N GLN D 54 -12.75 -14.47 8.38
CA GLN D 54 -13.82 -15.17 7.71
C GLN D 54 -15.00 -14.21 7.64
N ASN D 55 -15.82 -14.34 6.62
CA ASN D 55 -16.88 -13.40 6.43
C ASN D 55 -18.01 -14.04 5.64
N GLY D 56 -18.86 -14.81 6.32
CA GLY D 56 -19.88 -15.54 5.57
C GLY D 56 -19.25 -16.61 4.71
N ARG D 57 -19.45 -16.55 3.40
CA ARG D 57 -18.94 -17.64 2.57
C ARG D 57 -17.42 -17.59 2.28
N LEU D 58 -16.75 -16.58 2.83
CA LEU D 58 -15.40 -16.25 2.44
C LEU D 58 -14.51 -16.22 3.64
N SER D 59 -13.33 -16.77 3.48
CA SER D 59 -12.33 -16.67 4.49
C SER D 59 -11.04 -16.63 3.72
N ALA D 60 -10.02 -16.14 4.41
CA ALA D 60 -8.69 -15.98 3.85
C ALA D 60 -7.68 -16.22 4.96
N THR D 61 -6.62 -16.92 4.60
CA THR D 61 -5.50 -17.08 5.51
C THR D 61 -4.25 -16.46 4.90
N THR D 62 -3.56 -15.64 5.69
CA THR D 62 -2.26 -15.17 5.24
C THR D 62 -1.18 -15.65 6.18
N VAL D 63 -0.23 -16.38 5.60
CA VAL D 63 0.97 -16.75 6.32
C VAL D 63 2.01 -15.73 5.97
N ALA D 64 1.93 -14.67 6.76
CA ALA D 64 2.75 -13.50 6.55
C ALA D 64 4.20 -13.95 6.40
N THR D 65 4.65 -14.79 7.31
CA THR D 65 6.05 -15.25 7.28
C THR D 65 6.37 -16.20 6.13
N GLU D 66 5.52 -16.28 5.12
CA GLU D 66 5.84 -17.21 4.03
C GLU D 66 5.40 -16.66 2.71
N ARG D 67 4.71 -15.51 2.76
CA ARG D 67 4.45 -14.64 1.62
C ARG D 67 3.45 -15.22 0.67
N TYR D 68 2.37 -15.70 1.27
CA TYR D 68 1.23 -16.19 0.54
C TYR D 68 -0.03 -16.14 1.37
N SER D 69 -1.12 -15.82 0.67
CA SER D 69 -2.47 -15.83 1.18
C SER D 69 -3.38 -16.76 0.32
N LEU D 70 -4.33 -17.44 0.98
CA LEU D 70 -5.39 -18.22 0.34
C LEU D 70 -6.75 -17.59 0.59
N LEU D 71 -7.48 -17.35 -0.48
CA LEU D 71 -8.85 -16.93 -0.34
C LEU D 71 -9.73 -18.16 -0.65
N TYR D 72 -10.50 -18.63 0.31
CA TYR D 72 -11.43 -19.73 0.06
C TYR D 72 -12.84 -19.21 -0.09
N ILE D 73 -13.68 -19.99 -0.78
CA ILE D 73 -15.04 -19.61 -1.11
C ILE D 73 -15.93 -20.82 -1.08
N SER D 74 -16.62 -21.00 0.05
CA SER D 74 -17.66 -22.01 0.14
C SER D 74 -18.80 -21.75 -0.80
N SER D 75 -19.42 -22.84 -1.25
CA SER D 75 -20.77 -22.79 -1.76
C SER D 75 -20.85 -21.60 -2.72
N SER D 76 -19.92 -21.55 -3.65
CA SER D 76 -19.82 -20.39 -4.49
C SER D 76 -21.13 -20.16 -5.21
N GLN D 77 -21.44 -18.89 -5.48
CA GLN D 77 -22.69 -18.50 -6.14
C GLN D 77 -22.38 -18.01 -7.50
N THR D 78 -23.34 -18.04 -8.43
CA THR D 78 -23.08 -17.47 -9.77
C THR D 78 -22.69 -15.99 -9.71
N THR D 79 -23.22 -15.28 -8.72
CA THR D 79 -22.91 -13.87 -8.56
C THR D 79 -21.49 -13.68 -8.05
N ASP D 80 -20.75 -14.74 -7.73
CA ASP D 80 -19.40 -14.42 -7.26
C ASP D 80 -18.52 -14.32 -8.49
N SER D 81 -19.11 -14.52 -9.66
CA SER D 81 -18.32 -14.45 -10.88
C SER D 81 -17.66 -13.07 -11.05
N GLY D 82 -16.48 -13.08 -11.68
CA GLY D 82 -15.72 -11.87 -12.00
C GLY D 82 -14.23 -12.15 -11.81
N VAL D 83 -13.45 -11.13 -11.48
CA VAL D 83 -12.01 -11.31 -11.36
C VAL D 83 -11.63 -10.96 -9.96
N TYR D 84 -10.70 -11.73 -9.37
CA TYR D 84 -10.23 -11.51 -7.98
C TYR D 84 -8.81 -11.06 -7.98
N PHE D 85 -8.54 -9.95 -7.32
CA PHE D 85 -7.18 -9.49 -7.24
C PHE D 85 -6.66 -9.57 -5.82
N CYS D 86 -5.46 -10.15 -5.59
CA CYS D 86 -4.75 -9.81 -4.33
C CYS D 86 -3.97 -8.54 -4.54
N ALA D 87 -4.11 -7.65 -3.60
CA ALA D 87 -3.35 -6.43 -3.63
C ALA D 87 -2.33 -6.43 -2.49
N ALA D 88 -1.35 -5.53 -2.54
CA ALA D 88 -0.32 -5.41 -1.48
C ALA D 88 0.36 -4.02 -1.54
N LEU D 89 1.05 -3.63 -0.47
CA LEU D 89 1.78 -2.36 -0.43
C LEU D 89 3.26 -2.59 -0.51
N ILE D 90 3.94 -1.87 -1.41
CA ILE D 90 5.41 -1.91 -1.46
C ILE D 90 5.99 -1.37 -0.15
N GLN D 91 6.98 -2.04 0.42
CA GLN D 91 7.49 -1.59 1.71
C GLN D 91 8.17 -0.27 1.52
N GLY D 92 7.75 0.73 2.32
CA GLY D 92 8.41 2.03 2.34
C GLY D 92 7.70 2.91 1.35
N ALA D 93 7.92 2.67 0.06
CA ALA D 93 7.05 3.27 -0.94
C ALA D 93 5.67 2.96 -0.45
N GLN D 94 4.70 3.80 -0.55
CA GLN D 94 3.50 3.10 -0.11
C GLN D 94 2.61 2.75 -1.30
N LYS D 95 3.15 2.05 -2.30
CA LYS D 95 2.36 1.87 -3.54
C LYS D 95 1.42 0.71 -3.36
N LEU D 96 0.15 1.00 -3.42
CA LEU D 96 -0.81 -0.12 -3.57
C LEU D 96 -0.59 -0.88 -4.89
N VAL D 97 -0.47 -2.19 -4.85
CA VAL D 97 -0.03 -2.91 -6.05
C VAL D 97 -0.75 -4.28 -6.23
N PHE D 98 -0.92 -4.70 -7.49
CA PHE D 98 -1.92 -5.74 -7.84
C PHE D 98 -1.40 -6.85 -8.69
N GLY D 99 -1.56 -8.06 -8.19
CA GLY D 99 -1.54 -9.26 -9.02
C GLY D 99 -2.33 -9.16 -10.31
N GLN D 100 -2.19 -10.19 -11.12
CA GLN D 100 -2.85 -10.23 -12.42
C GLN D 100 -4.33 -10.64 -12.33
N GLY D 101 -4.70 -11.26 -11.22
CA GLY D 101 -6.06 -11.68 -10.98
C GLY D 101 -6.33 -13.13 -11.31
N THR D 102 -7.57 -13.53 -11.05
CA THR D 102 -8.07 -14.83 -11.42
C THR D 102 -9.44 -14.56 -11.96
N ARG D 103 -9.73 -15.03 -13.17
CA ARG D 103 -11.12 -14.90 -13.61
C ARG D 103 -11.82 -16.05 -13.01
N LEU D 104 -12.90 -15.74 -12.33
CA LEU D 104 -13.79 -16.77 -11.82
C LEU D 104 -15.10 -16.81 -12.61
N THR D 105 -15.45 -17.99 -13.09
CA THR D 105 -16.83 -18.24 -13.55
C THR D 105 -17.57 -19.33 -12.77
N ILE D 106 -18.67 -18.92 -12.14
CA ILE D 106 -19.52 -19.87 -11.45
C ILE D 106 -20.75 -20.10 -12.26
N ASN D 107 -20.84 -21.34 -12.71
CA ASN D 107 -21.95 -21.80 -13.58
C ASN D 107 -23.16 -22.26 -12.78
N PRO D 108 -24.35 -21.85 -13.22
CA PRO D 108 -25.55 -22.32 -12.57
C PRO D 108 -25.64 -23.80 -12.84
N ASN D 109 -26.10 -24.56 -11.87
CA ASN D 109 -26.14 -25.98 -12.02
C ASN D 109 -27.53 -26.45 -12.40
N ILE D 110 -27.78 -26.66 -13.68
CA ILE D 110 -29.14 -26.78 -14.24
C ILE D 110 -29.76 -28.22 -14.25
N GLN D 111 -30.78 -28.39 -13.39
CA GLN D 111 -31.37 -29.70 -13.01
C GLN D 111 -32.12 -30.35 -14.14
N ASN D 112 -32.85 -29.53 -14.90
CA ASN D 112 -33.72 -30.05 -15.93
C ASN D 112 -33.50 -29.28 -17.21
N PRO D 113 -32.31 -29.44 -17.79
CA PRO D 113 -32.08 -28.88 -19.09
C PRO D 113 -33.31 -29.06 -19.95
N ASP D 114 -33.73 -27.98 -20.62
CA ASP D 114 -34.68 -28.06 -21.67
C ASP D 114 -34.27 -27.13 -22.81
N PRO D 115 -33.17 -27.46 -23.52
CA PRO D 115 -32.60 -26.48 -24.46
C PRO D 115 -33.49 -26.27 -25.69
N ALA D 116 -33.58 -25.03 -26.16
CA ALA D 116 -34.52 -24.63 -27.19
C ALA D 116 -34.21 -23.24 -27.71
N VAL D 117 -34.80 -22.93 -28.86
CA VAL D 117 -34.63 -21.65 -29.56
C VAL D 117 -36.03 -21.22 -30.03
N TYR D 118 -36.46 -20.07 -29.52
CA TYR D 118 -37.79 -19.49 -29.81
C TYR D 118 -37.70 -18.21 -30.63
N GLN D 119 -38.77 -17.83 -31.31
CA GLN D 119 -38.75 -16.53 -31.96
C GLN D 119 -39.64 -15.57 -31.22
N LEU D 120 -39.09 -14.39 -30.96
CA LEU D 120 -39.78 -13.30 -30.29
C LEU D 120 -39.94 -12.17 -31.29
N ARG D 121 -41.06 -11.48 -31.27
CA ARG D 121 -41.17 -10.35 -32.18
C ARG D 121 -41.04 -9.01 -31.49
N ASP D 122 -40.59 -8.00 -32.24
CA ASP D 122 -40.65 -6.61 -31.79
C ASP D 122 -42.10 -6.30 -31.45
N SER D 123 -42.34 -5.74 -30.27
CA SER D 123 -43.69 -5.34 -29.86
C SER D 123 -44.23 -4.13 -30.66
N LYS D 124 -43.38 -3.61 -31.54
CA LYS D 124 -43.73 -2.56 -32.48
C LYS D 124 -43.24 -2.91 -33.89
N SER D 125 -44.18 -3.27 -34.76
CA SER D 125 -43.82 -3.80 -36.09
C SER D 125 -43.30 -5.25 -36.00
N SER D 126 -44.08 -6.19 -36.53
CA SER D 126 -43.81 -7.66 -36.49
C SER D 126 -42.56 -8.15 -37.26
N ASP D 127 -42.22 -7.46 -38.37
CA ASP D 127 -40.95 -7.60 -39.11
C ASP D 127 -39.70 -7.93 -38.23
N LYS D 128 -39.25 -6.97 -37.41
CA LYS D 128 -38.09 -7.08 -36.49
C LYS D 128 -38.26 -8.28 -35.57
N SER D 129 -37.18 -9.07 -35.42
CA SER D 129 -37.17 -10.22 -34.48
C SER D 129 -35.80 -10.79 -34.04
N VAL D 130 -35.89 -11.54 -32.97
CA VAL D 130 -34.77 -12.03 -32.24
C VAL D 130 -34.94 -13.50 -32.03
N CYS D 131 -33.82 -14.18 -31.84
CA CYS D 131 -33.83 -15.60 -31.53
C CYS D 131 -33.26 -15.82 -30.15
N LEU D 132 -34.00 -16.59 -29.35
CA LEU D 132 -33.63 -16.88 -27.99
C LEU D 132 -33.23 -18.33 -27.92
N PHE D 133 -32.08 -18.57 -27.34
CA PHE D 133 -31.59 -19.92 -27.18
C PHE D 133 -31.43 -20.00 -25.70
N THR D 134 -32.20 -20.90 -25.08
CA THR D 134 -32.39 -20.83 -23.63
C THR D 134 -32.64 -22.18 -23.03
N ASP D 135 -32.38 -22.25 -21.73
CA ASP D 135 -32.50 -23.45 -20.92
C ASP D 135 -31.50 -24.57 -21.22
N PHE D 136 -30.45 -24.24 -21.97
CA PHE D 136 -29.31 -25.15 -22.06
C PHE D 136 -28.62 -25.22 -20.71
N ASP D 137 -27.94 -26.32 -20.49
CA ASP D 137 -27.20 -26.46 -19.27
C ASP D 137 -25.82 -25.89 -19.42
N SER D 138 -25.23 -25.67 -18.27
CA SER D 138 -24.02 -24.92 -18.16
C SER D 138 -22.81 -25.52 -18.88
N GLN D 139 -22.98 -26.68 -19.52
CA GLN D 139 -21.89 -27.27 -20.28
C GLN D 139 -21.87 -26.80 -21.74
N THR D 140 -23.00 -26.31 -22.23
CA THR D 140 -23.10 -25.73 -23.56
C THR D 140 -22.41 -24.35 -23.71
N ASN D 141 -21.73 -24.13 -24.84
CA ASN D 141 -21.15 -22.80 -25.13
C ASN D 141 -21.62 -22.17 -26.41
N VAL D 142 -21.52 -20.86 -26.46
CA VAL D 142 -22.13 -20.10 -27.54
C VAL D 142 -21.01 -19.44 -28.31
N SER D 143 -20.96 -19.67 -29.63
CA SER D 143 -19.89 -19.07 -30.44
C SER D 143 -20.34 -17.74 -30.99
N GLN D 144 -19.41 -16.79 -31.08
CA GLN D 144 -19.64 -15.51 -31.76
C GLN D 144 -19.84 -15.82 -33.24
N SER D 145 -20.83 -15.19 -33.88
CA SER D 145 -21.32 -15.61 -35.20
C SER D 145 -20.24 -15.74 -36.27
N LYS D 146 -20.43 -16.72 -37.16
CA LYS D 146 -19.59 -16.81 -38.35
C LYS D 146 -19.97 -15.71 -39.31
N ASP D 147 -21.28 -15.56 -39.58
CA ASP D 147 -21.74 -14.43 -40.39
C ASP D 147 -21.73 -13.17 -39.51
N SER D 148 -20.82 -12.23 -39.79
CA SER D 148 -20.65 -11.08 -38.87
C SER D 148 -21.46 -9.84 -39.25
N ASP D 149 -22.43 -10.08 -40.14
CA ASP D 149 -23.61 -9.23 -40.22
C ASP D 149 -24.72 -9.91 -39.37
N VAL D 150 -24.31 -10.85 -38.51
CA VAL D 150 -25.22 -11.49 -37.54
C VAL D 150 -24.60 -11.41 -36.14
N TYR D 151 -25.46 -11.21 -35.13
CA TYR D 151 -25.06 -10.82 -33.78
C TYR D 151 -25.54 -11.83 -32.72
N ILE D 152 -24.58 -12.54 -32.11
CA ILE D 152 -24.88 -13.46 -31.01
C ILE D 152 -24.19 -12.94 -29.74
N THR D 153 -24.99 -12.71 -28.70
CA THR D 153 -24.49 -12.29 -27.40
C THR D 153 -24.00 -13.51 -26.63
N ASP D 154 -23.21 -13.27 -25.60
CA ASP D 154 -22.77 -14.37 -24.79
C ASP D 154 -23.95 -14.82 -23.94
N LYS D 155 -24.01 -16.10 -23.61
CA LYS D 155 -24.94 -16.62 -22.59
C LYS D 155 -24.93 -15.78 -21.31
N CYS D 156 -26.09 -15.67 -20.68
CA CYS D 156 -26.17 -15.11 -19.34
C CYS D 156 -27.29 -15.71 -18.45
N VAL D 157 -26.99 -15.77 -17.17
CA VAL D 157 -27.71 -16.54 -16.18
C VAL D 157 -28.79 -15.66 -15.58
N LEU D 158 -30.04 -16.09 -15.60
CA LEU D 158 -31.03 -15.27 -14.94
C LEU D 158 -31.64 -16.07 -13.79
N ASP D 159 -32.01 -15.39 -12.72
CA ASP D 159 -32.50 -16.09 -11.56
C ASP D 159 -33.95 -15.74 -11.38
N MET D 160 -34.84 -16.72 -11.46
CA MET D 160 -36.19 -16.43 -11.10
C MET D 160 -36.30 -16.75 -9.61
N ARG D 161 -36.07 -15.74 -8.75
CA ARG D 161 -35.87 -16.01 -7.31
C ARG D 161 -37.16 -16.56 -6.68
N SER D 162 -38.27 -16.06 -7.21
CA SER D 162 -39.59 -16.61 -6.96
C SER D 162 -39.57 -18.16 -6.95
N MET D 163 -39.09 -18.78 -8.00
CA MET D 163 -39.10 -20.22 -8.05
C MET D 163 -37.78 -20.91 -7.71
N ASP D 164 -36.80 -20.17 -7.19
CA ASP D 164 -35.43 -20.68 -7.00
C ASP D 164 -34.98 -21.49 -8.25
N PHE D 165 -35.09 -20.85 -9.41
CA PHE D 165 -34.90 -21.49 -10.70
C PHE D 165 -34.00 -20.59 -11.53
N LYS D 166 -32.88 -21.11 -11.97
CA LYS D 166 -31.99 -20.32 -12.81
C LYS D 166 -32.02 -20.87 -14.23
N SER D 167 -32.00 -20.00 -15.24
CA SER D 167 -31.85 -20.39 -16.64
C SER D 167 -30.79 -19.55 -17.30
N ASN D 168 -30.01 -20.17 -18.21
CA ASN D 168 -29.07 -19.57 -19.13
C ASN D 168 -29.83 -19.31 -20.42
N SER D 169 -29.40 -18.28 -21.15
CA SER D 169 -30.00 -17.92 -22.42
C SER D 169 -29.01 -17.13 -23.22
N ALA D 170 -29.13 -17.21 -24.54
CA ALA D 170 -28.31 -16.41 -25.44
C ALA D 170 -29.23 -15.66 -26.41
N VAL D 171 -28.76 -14.56 -26.99
CA VAL D 171 -29.58 -13.85 -27.96
C VAL D 171 -28.89 -13.66 -29.33
N ALA D 172 -29.60 -14.05 -30.37
CA ALA D 172 -29.08 -13.92 -31.73
C ALA D 172 -30.08 -13.14 -32.49
N TRP D 173 -29.60 -12.16 -33.27
CA TRP D 173 -30.45 -11.38 -34.18
C TRP D 173 -29.70 -10.86 -35.39
N SER D 174 -30.48 -10.45 -36.39
CA SER D 174 -29.92 -9.88 -37.62
C SER D 174 -31.03 -9.44 -38.55
N ASN D 175 -30.67 -8.52 -39.45
CA ASN D 175 -31.64 -7.95 -40.38
C ASN D 175 -31.30 -8.34 -41.83
N LYS D 176 -30.54 -9.43 -41.97
CA LYS D 176 -30.51 -10.18 -43.19
C LYS D 176 -31.92 -10.75 -43.28
N SER D 177 -32.09 -11.79 -44.10
CA SER D 177 -33.40 -12.44 -44.27
C SER D 177 -33.25 -13.87 -44.81
N ASP D 178 -32.00 -14.34 -44.87
CA ASP D 178 -31.68 -15.79 -44.89
C ASP D 178 -31.44 -16.29 -43.45
N PHE D 179 -31.22 -15.35 -42.55
CA PHE D 179 -31.11 -15.60 -41.14
C PHE D 179 -32.48 -16.01 -40.57
N ALA D 180 -32.55 -17.24 -40.02
CA ALA D 180 -33.70 -17.72 -39.27
C ALA D 180 -33.24 -18.40 -37.99
N CYS D 181 -34.18 -18.56 -37.07
CA CYS D 181 -33.89 -19.21 -35.79
C CYS D 181 -33.60 -20.68 -35.94
N ALA D 182 -34.08 -21.30 -37.03
CA ALA D 182 -33.70 -22.67 -37.36
C ALA D 182 -32.17 -22.76 -37.36
N ASN D 183 -31.54 -21.83 -38.05
CA ASN D 183 -30.09 -21.82 -38.16
C ASN D 183 -29.45 -20.61 -37.50
N ALA D 184 -29.94 -20.18 -36.34
CA ALA D 184 -29.35 -19.00 -35.73
C ALA D 184 -28.01 -19.36 -35.08
N PHE D 185 -27.99 -20.54 -34.48
CA PHE D 185 -26.88 -20.93 -33.63
C PHE D 185 -26.02 -22.08 -34.11
N ASN D 186 -26.32 -22.67 -35.27
CA ASN D 186 -25.56 -23.83 -35.75
C ASN D 186 -24.10 -23.47 -36.01
N ASN D 187 -23.74 -22.29 -35.56
CA ASN D 187 -22.37 -21.89 -35.38
C ASN D 187 -21.79 -22.30 -34.02
N SER D 188 -22.65 -22.61 -33.06
CA SER D 188 -22.26 -23.05 -31.73
C SER D 188 -22.51 -24.55 -31.67
N ILE D 189 -21.84 -25.26 -30.76
CA ILE D 189 -22.20 -26.65 -30.50
C ILE D 189 -23.34 -26.67 -29.51
N ILE D 190 -24.48 -27.15 -30.00
CA ILE D 190 -25.81 -27.08 -29.37
C ILE D 190 -26.36 -28.50 -28.95
N PRO D 191 -26.77 -28.69 -27.66
CA PRO D 191 -27.22 -30.00 -27.14
C PRO D 191 -28.15 -30.84 -28.05
N GLU D 192 -27.81 -32.13 -28.21
CA GLU D 192 -28.56 -33.14 -29.03
C GLU D 192 -30.04 -32.87 -29.40
N ASP D 193 -30.77 -32.32 -28.43
CA ASP D 193 -32.23 -32.47 -28.33
C ASP D 193 -32.98 -31.13 -28.23
N THR D 194 -32.32 -30.05 -28.64
CA THR D 194 -32.88 -28.68 -28.64
C THR D 194 -34.26 -28.59 -29.32
N PHE D 195 -35.22 -27.95 -28.64
CA PHE D 195 -36.59 -27.79 -29.17
C PHE D 195 -36.63 -26.70 -30.26
N PHE D 196 -37.13 -27.07 -31.45
CA PHE D 196 -37.18 -26.14 -32.60
C PHE D 196 -38.57 -25.84 -33.18
N PRO D 197 -39.17 -24.72 -32.74
CA PRO D 197 -40.31 -23.94 -33.27
C PRO D 197 -40.75 -24.09 -34.74
N SER D 198 -41.95 -23.57 -35.01
CA SER D 198 -42.69 -23.65 -36.30
C SER D 198 -42.29 -24.79 -37.23
N ALA E 2 -18.94 7.07 3.63
CA ALA E 2 -19.11 7.11 2.12
C ALA E 2 -17.96 6.50 1.28
N GLY E 3 -16.79 6.22 1.87
CA GLY E 3 -15.70 5.62 1.11
C GLY E 3 -15.19 6.60 0.05
N VAL E 4 -14.80 6.12 -1.11
CA VAL E 4 -14.23 7.01 -2.13
C VAL E 4 -15.25 7.42 -3.20
N THR E 5 -15.36 8.72 -3.48
CA THR E 5 -16.24 9.20 -4.55
C THR E 5 -15.51 10.00 -5.67
N GLN E 6 -15.60 9.46 -6.91
CA GLN E 6 -14.96 10.02 -8.14
C GLN E 6 -15.97 10.36 -9.21
N THR E 7 -15.74 11.46 -9.92
CA THR E 7 -16.78 11.91 -10.83
C THR E 7 -16.15 12.21 -12.14
N PRO E 8 -17.03 12.38 -13.16
CA PRO E 8 -17.47 11.61 -14.25
C PRO E 8 -17.20 10.16 -14.06
N LYS E 9 -18.29 9.48 -13.70
CA LYS E 9 -18.43 8.09 -13.94
C LYS E 9 -18.29 7.89 -15.48
N PHE E 10 -18.73 8.88 -16.27
CA PHE E 10 -18.63 8.82 -17.73
C PHE E 10 -18.26 10.11 -18.43
N ARG E 11 -17.27 10.03 -19.30
CA ARG E 11 -16.79 11.17 -20.05
C ARG E 11 -16.53 10.81 -21.52
N ILE E 12 -16.89 11.69 -22.42
CA ILE E 12 -16.42 11.62 -23.76
C ILE E 12 -15.53 12.82 -23.83
N LEU E 13 -14.34 12.69 -24.42
CA LEU E 13 -13.32 13.75 -24.48
C LEU E 13 -12.67 13.80 -25.87
N LYS E 14 -12.78 14.97 -26.51
CA LYS E 14 -12.32 15.16 -27.89
C LYS E 14 -10.81 15.00 -27.92
N ILE E 15 -10.26 14.59 -29.09
CA ILE E 15 -8.78 14.52 -29.22
C ILE E 15 -8.14 15.89 -29.02
N GLY E 16 -7.08 15.90 -28.22
CA GLY E 16 -6.30 17.08 -27.93
C GLY E 16 -6.95 17.97 -26.89
N GLN E 17 -8.18 17.67 -26.49
CA GLN E 17 -8.85 18.51 -25.51
C GLN E 17 -8.39 18.10 -24.10
N SER E 18 -8.97 18.67 -23.05
CA SER E 18 -8.59 18.23 -21.70
C SER E 18 -9.65 18.37 -20.63
N MET E 19 -9.26 18.02 -19.41
CA MET E 19 -10.18 17.37 -18.52
C MET E 19 -9.64 17.13 -17.13
N THR E 20 -10.54 17.00 -16.16
CA THR E 20 -10.15 16.64 -14.78
C THR E 20 -11.15 15.73 -14.11
N LEU E 21 -10.68 14.57 -13.68
CA LEU E 21 -11.42 13.71 -12.79
C LEU E 21 -11.14 14.16 -11.34
N GLN E 22 -12.20 14.23 -10.56
CA GLN E 22 -12.17 14.55 -9.16
C GLN E 22 -12.15 13.23 -8.38
N CYS E 23 -11.46 13.23 -7.26
CA CYS E 23 -11.54 12.07 -6.44
C CYS E 23 -11.43 12.52 -4.99
N THR E 24 -12.34 12.05 -4.15
CA THR E 24 -12.57 12.72 -2.87
C THR E 24 -12.90 11.64 -1.86
N GLN E 25 -12.37 11.80 -0.67
CA GLN E 25 -12.46 10.79 0.29
C GLN E 25 -12.55 11.46 1.65
N ASP E 26 -13.53 11.06 2.45
CA ASP E 26 -13.79 11.63 3.78
C ASP E 26 -13.23 10.77 4.92
N MET E 27 -12.48 9.72 4.65
CA MET E 27 -12.02 8.87 5.75
C MET E 27 -10.64 9.24 6.36
N ASN E 28 -10.13 10.41 6.02
CA ASN E 28 -8.80 10.86 6.46
C ASN E 28 -7.59 10.15 5.95
N HIS E 29 -7.74 9.54 4.78
CA HIS E 29 -6.67 8.77 4.19
C HIS E 29 -5.63 9.71 3.58
N ASN E 30 -4.39 9.34 3.77
CA ASN E 30 -3.31 10.23 3.46
C ASN E 30 -2.79 9.66 2.12
N TYR E 31 -2.85 8.32 2.01
CA TYR E 31 -2.50 7.60 0.81
C TYR E 31 -3.64 7.57 -0.20
N MET E 32 -3.43 8.13 -1.40
CA MET E 32 -4.43 8.04 -2.49
C MET E 32 -3.77 7.74 -3.86
N TYR E 33 -4.50 7.10 -4.76
CA TYR E 33 -3.89 6.59 -5.97
C TYR E 33 -4.90 6.66 -7.08
N TRP E 34 -4.40 6.95 -8.30
CA TRP E 34 -5.13 6.77 -9.56
C TRP E 34 -4.57 5.61 -10.39
N TYR E 35 -5.49 4.81 -10.92
CA TYR E 35 -5.16 3.67 -11.80
C TYR E 35 -5.92 3.86 -13.05
N ARG E 36 -5.42 3.26 -14.12
CA ARG E 36 -6.23 3.02 -15.33
C ARG E 36 -6.25 1.52 -15.56
N GLN E 37 -7.33 1.05 -16.17
CA GLN E 37 -7.45 -0.37 -16.45
C GLN E 37 -8.00 -0.56 -17.81
N ASP E 38 -7.19 -1.12 -18.69
CA ASP E 38 -7.73 -1.40 -20.00
C ASP E 38 -8.61 -2.62 -19.88
N PRO E 39 -9.70 -2.65 -20.67
CA PRO E 39 -10.72 -3.72 -20.54
C PRO E 39 -10.13 -5.13 -20.67
N GLY E 40 -10.42 -5.95 -19.66
CA GLY E 40 -9.86 -7.30 -19.56
C GLY E 40 -8.40 -7.35 -19.15
N MET E 41 -7.95 -6.42 -18.31
CA MET E 41 -6.51 -6.22 -18.08
C MET E 41 -6.21 -5.84 -16.65
N GLY E 42 -4.93 -5.64 -16.31
CA GLY E 42 -4.56 -5.29 -14.92
C GLY E 42 -4.79 -3.81 -14.64
N LEU E 43 -4.96 -3.45 -13.38
CA LEU E 43 -4.89 -2.03 -13.00
C LEU E 43 -3.44 -1.60 -13.09
N LYS E 44 -3.18 -0.58 -13.88
CA LYS E 44 -1.84 -0.02 -13.95
C LYS E 44 -1.92 1.32 -13.20
N LEU E 45 -0.97 1.54 -12.32
CA LEU E 45 -0.83 2.81 -11.64
C LEU E 45 -0.26 3.96 -12.50
N ILE E 46 -1.01 5.06 -12.52
CA ILE E 46 -0.51 6.29 -13.11
C ILE E 46 0.26 7.20 -12.15
N TYR E 47 -0.38 7.55 -11.03
CA TYR E 47 0.22 8.48 -10.06
C TYR E 47 -0.35 8.11 -8.74
N TYR E 48 0.37 8.50 -7.70
CA TYR E 48 -0.05 8.21 -6.33
C TYR E 48 0.51 9.28 -5.40
N SER E 49 -0.06 9.39 -4.20
CA SER E 49 0.23 10.50 -3.30
C SER E 49 0.17 10.05 -1.87
N VAL E 50 1.29 10.16 -1.17
CA VAL E 50 1.34 9.76 0.24
C VAL E 50 0.78 10.74 1.30
N GLY E 51 0.48 11.97 0.91
CA GLY E 51 -0.10 12.94 1.85
C GLY E 51 -0.20 14.29 1.17
N ALA E 52 -0.69 15.31 1.88
CA ALA E 52 -0.77 16.68 1.29
C ALA E 52 0.53 17.16 0.67
N GLY E 53 0.45 17.58 -0.58
CA GLY E 53 1.56 18.25 -1.24
C GLY E 53 2.67 17.30 -1.67
N ILE E 54 2.54 15.99 -1.38
CA ILE E 54 3.44 14.98 -1.95
C ILE E 54 2.78 14.17 -3.07
N THR E 55 3.46 14.07 -4.22
CA THR E 55 3.04 13.16 -5.27
C THR E 55 4.22 12.50 -5.97
N ASP E 56 3.94 11.37 -6.63
CA ASP E 56 4.95 10.55 -7.26
C ASP E 56 4.48 9.82 -8.50
N LYS E 57 5.35 9.72 -9.51
CA LYS E 57 4.98 9.04 -10.77
C LYS E 57 4.71 7.56 -10.56
N GLY E 58 3.62 7.05 -11.13
CA GLY E 58 3.39 5.61 -11.19
C GLY E 58 4.10 4.95 -12.34
N GLU E 59 3.66 3.75 -12.69
CA GLU E 59 4.23 3.01 -13.83
C GLU E 59 3.93 3.59 -15.21
N VAL E 60 2.93 4.46 -15.34
CA VAL E 60 2.53 5.02 -16.64
C VAL E 60 2.12 6.47 -16.54
N PRO E 61 2.88 7.28 -15.81
CA PRO E 61 2.46 8.68 -15.58
C PRO E 61 2.30 9.64 -16.80
N ASN E 62 2.55 9.18 -18.03
CA ASN E 62 2.69 10.11 -19.19
C ASN E 62 1.39 10.58 -19.85
N GLY E 63 1.26 11.90 -20.00
CA GLY E 63 0.07 12.56 -20.53
C GLY E 63 -0.91 12.85 -19.41
N TYR E 64 -0.46 12.71 -18.17
CA TYR E 64 -1.36 12.88 -17.04
C TYR E 64 -0.67 13.70 -16.07
N ASN E 65 -1.44 14.31 -15.21
CA ASN E 65 -0.91 15.10 -14.15
C ASN E 65 -1.84 15.16 -13.00
N VAL E 66 -1.33 15.57 -11.85
CA VAL E 66 -2.03 15.35 -10.60
C VAL E 66 -1.62 16.36 -9.55
N SER E 67 -2.54 16.69 -8.65
CA SER E 67 -2.21 17.56 -7.49
C SER E 67 -2.82 17.10 -6.14
N ARG E 68 -2.15 17.47 -5.03
CA ARG E 68 -2.62 17.16 -3.68
C ARG E 68 -2.45 18.28 -2.66
N SER E 69 -3.18 19.37 -2.77
CA SER E 69 -3.05 20.39 -1.74
C SER E 69 -3.79 20.04 -0.43
N THR E 70 -4.74 19.12 -0.51
CA THR E 70 -5.50 18.69 0.67
C THR E 70 -5.64 17.19 0.71
N THR E 71 -5.40 16.63 1.88
CA THR E 71 -5.77 15.28 2.26
C THR E 71 -6.97 14.68 1.51
N GLU E 72 -8.03 15.46 1.32
CA GLU E 72 -9.32 14.94 0.89
C GLU E 72 -9.42 14.75 -0.57
N ASP E 73 -8.68 15.52 -1.36
CA ASP E 73 -8.83 15.37 -2.79
C ASP E 73 -7.55 15.11 -3.57
N PHE E 74 -7.72 14.29 -4.61
CA PHE E 74 -6.69 13.91 -5.59
C PHE E 74 -7.33 14.08 -7.00
N PRO E 75 -7.31 15.32 -7.52
CA PRO E 75 -7.76 15.41 -8.89
C PRO E 75 -6.72 14.80 -9.82
N LEU E 76 -7.14 14.29 -10.97
CA LEU E 76 -6.23 13.80 -11.98
C LEU E 76 -6.49 14.50 -13.31
N ARG E 77 -5.49 15.18 -13.84
CA ARG E 77 -5.61 15.96 -15.09
C ARG E 77 -5.00 15.22 -16.29
N LEU E 78 -5.78 15.07 -17.37
CA LEU E 78 -5.27 14.68 -18.67
C LEU E 78 -5.22 15.91 -19.53
N GLU E 79 -4.03 16.25 -20.00
CA GLU E 79 -3.80 17.53 -20.67
C GLU E 79 -4.21 17.51 -22.13
N LEU E 80 -3.99 16.39 -22.80
CA LEU E 80 -3.90 16.41 -24.22
C LEU E 80 -4.45 15.10 -24.72
N ALA E 81 -5.76 14.99 -24.83
CA ALA E 81 -6.33 13.66 -24.90
C ALA E 81 -5.87 13.02 -26.17
N ALA E 82 -5.01 12.01 -25.99
CA ALA E 82 -4.63 11.04 -27.00
C ALA E 82 -5.57 9.81 -26.90
N PRO E 83 -5.76 9.07 -28.02
CA PRO E 83 -6.68 7.93 -28.11
C PRO E 83 -6.19 6.77 -27.28
N SER E 84 -4.89 6.69 -27.09
CA SER E 84 -4.33 5.73 -26.17
C SER E 84 -4.87 5.93 -24.76
N GLN E 85 -5.56 7.04 -24.50
CA GLN E 85 -6.12 7.27 -23.14
C GLN E 85 -7.56 6.81 -22.95
N THR E 86 -8.18 6.26 -23.99
CA THR E 86 -9.44 5.54 -23.76
C THR E 86 -9.18 4.35 -22.79
N SER E 87 -9.73 4.41 -21.57
CA SER E 87 -9.57 3.37 -20.58
C SER E 87 -10.57 3.57 -19.42
N VAL E 88 -10.62 2.63 -18.48
CA VAL E 88 -11.35 2.85 -17.23
C VAL E 88 -10.40 3.38 -16.11
N TYR E 89 -10.69 4.56 -15.54
CA TYR E 89 -9.86 5.13 -14.47
C TYR E 89 -10.49 4.95 -13.10
N PHE E 90 -9.65 4.64 -12.11
CA PHE E 90 -10.11 4.25 -10.79
C PHE E 90 -9.28 4.95 -9.76
N CYS E 91 -9.96 5.51 -8.75
CA CYS E 91 -9.32 6.21 -7.69
C CYS E 91 -9.36 5.33 -6.49
N ALA E 92 -8.28 5.29 -5.70
CA ALA E 92 -8.32 4.57 -4.43
C ALA E 92 -7.61 5.29 -3.30
N SER E 93 -8.05 4.98 -2.09
CA SER E 93 -7.41 5.44 -0.88
C SER E 93 -7.31 4.32 0.15
N THR E 94 -6.31 4.41 1.02
CA THR E 94 -6.24 3.60 2.22
C THR E 94 -5.32 4.30 3.17
N TYR E 95 -4.98 3.66 4.29
CA TYR E 95 -3.90 4.18 5.13
C TYR E 95 -3.27 3.13 6.04
N HIS E 96 -3.97 2.63 7.05
CA HIS E 96 -3.39 1.55 7.84
C HIS E 96 -3.69 0.16 7.29
N GLY E 97 -4.78 0.00 6.52
CA GLY E 97 -5.26 -1.29 6.07
C GLY E 97 -6.05 -1.39 4.76
N THR E 98 -7.35 -1.16 4.84
CA THR E 98 -8.24 -1.51 3.74
C THR E 98 -8.08 -0.55 2.53
N GLY E 99 -8.26 -1.09 1.33
CA GLY E 99 -8.16 -0.29 0.16
C GLY E 99 -9.57 0.00 -0.24
N TYR E 100 -9.79 1.25 -0.64
CA TYR E 100 -11.10 1.62 -1.08
C TYR E 100 -11.02 2.25 -2.44
N PHE E 101 -11.95 1.83 -3.32
CA PHE E 101 -12.03 2.23 -4.70
C PHE E 101 -13.32 2.93 -4.95
N GLY E 102 -13.23 4.05 -5.69
CA GLY E 102 -14.40 4.76 -6.18
C GLY E 102 -15.07 3.94 -7.26
N GLU E 103 -16.23 4.40 -7.72
CA GLU E 103 -17.01 3.58 -8.60
C GLU E 103 -16.47 3.59 -10.01
N GLY E 104 -15.40 4.36 -10.26
CA GLY E 104 -14.68 4.30 -11.53
C GLY E 104 -15.03 5.37 -12.53
N SER E 105 -14.22 5.58 -13.55
CA SER E 105 -14.62 6.55 -14.57
C SER E 105 -14.32 6.05 -15.95
N TRP E 106 -15.40 5.87 -16.74
CA TRP E 106 -15.23 5.37 -18.11
C TRP E 106 -15.08 6.52 -19.07
N LEU E 107 -13.83 6.77 -19.44
CA LEU E 107 -13.44 7.79 -20.41
C LEU E 107 -13.23 7.26 -21.86
N THR E 108 -13.91 7.82 -22.83
CA THR E 108 -13.58 7.44 -24.19
C THR E 108 -13.11 8.66 -24.92
N VAL E 109 -11.97 8.56 -25.59
CA VAL E 109 -11.43 9.70 -26.30
C VAL E 109 -11.80 9.54 -27.75
N VAL E 110 -12.28 10.60 -28.40
CA VAL E 110 -12.70 10.46 -29.84
C VAL E 110 -12.03 11.45 -30.82
N GLU E 111 -12.04 11.13 -32.12
CA GLU E 111 -11.47 12.00 -33.16
C GLU E 111 -12.40 13.17 -33.22
N ASP E 112 -13.70 12.88 -33.22
CA ASP E 112 -14.76 13.90 -33.21
C ASP E 112 -16.05 13.44 -32.49
N LEU E 113 -16.97 14.35 -32.24
CA LEU E 113 -18.13 13.97 -31.53
C LEU E 113 -19.14 13.34 -32.46
N ASN E 114 -18.94 13.51 -33.76
CA ASN E 114 -19.86 12.84 -34.66
C ASN E 114 -19.71 11.29 -34.54
N LYS E 115 -18.64 10.83 -33.89
CA LYS E 115 -18.50 9.41 -33.56
C LYS E 115 -19.52 8.90 -32.55
N VAL E 116 -20.19 9.81 -31.85
CA VAL E 116 -21.08 9.43 -30.77
C VAL E 116 -22.50 9.14 -31.24
N PHE E 117 -23.11 8.06 -30.76
CA PHE E 117 -24.49 7.75 -31.10
C PHE E 117 -25.25 7.25 -29.86
N PRO E 118 -26.56 7.64 -29.71
CA PRO E 118 -27.38 7.11 -28.61
C PRO E 118 -27.83 5.70 -29.01
N PRO E 119 -28.31 4.91 -28.04
CA PRO E 119 -28.95 3.65 -28.37
C PRO E 119 -30.29 3.82 -29.04
N GLU E 120 -30.64 2.89 -29.93
CA GLU E 120 -32.04 2.60 -30.24
C GLU E 120 -32.43 1.39 -29.43
N VAL E 121 -33.58 1.44 -28.77
CA VAL E 121 -34.03 0.38 -27.85
C VAL E 121 -35.35 -0.21 -28.31
N ALA E 122 -35.41 -1.54 -28.40
CA ALA E 122 -36.61 -2.25 -28.84
C ALA E 122 -36.89 -3.40 -27.88
N VAL E 123 -38.17 -3.67 -27.62
CA VAL E 123 -38.55 -4.80 -26.79
C VAL E 123 -39.28 -5.83 -27.64
N PHE E 124 -38.97 -7.08 -27.38
CA PHE E 124 -39.59 -8.19 -28.10
C PHE E 124 -40.21 -9.07 -27.03
N GLU E 125 -41.45 -9.44 -27.27
CA GLU E 125 -42.29 -10.17 -26.34
C GLU E 125 -42.08 -11.65 -26.47
N PRO E 126 -42.27 -12.40 -25.39
CA PRO E 126 -41.98 -13.86 -25.45
C PRO E 126 -42.79 -14.64 -26.50
N SER E 127 -42.25 -15.79 -26.90
CA SER E 127 -42.87 -16.63 -27.90
C SER E 127 -43.96 -17.42 -27.25
N GLU E 128 -45.01 -17.70 -28.05
CA GLU E 128 -46.11 -18.57 -27.63
C GLU E 128 -45.51 -19.91 -27.43
N ALA E 129 -44.53 -20.22 -28.28
CA ALA E 129 -43.88 -21.52 -28.18
C ALA E 129 -43.26 -21.67 -26.83
N GLU E 130 -42.55 -20.62 -26.35
CA GLU E 130 -41.90 -20.67 -25.04
C GLU E 130 -42.95 -20.96 -23.98
N ILE E 131 -43.95 -20.09 -23.93
CA ILE E 131 -45.02 -20.21 -22.97
C ILE E 131 -45.57 -21.64 -22.95
N SER E 132 -46.11 -22.09 -24.08
CA SER E 132 -46.73 -23.41 -24.16
C SER E 132 -45.85 -24.53 -23.63
N HIS E 133 -44.54 -24.36 -23.74
CA HIS E 133 -43.54 -25.38 -23.39
C HIS E 133 -43.01 -25.23 -21.97
N THR E 134 -42.58 -24.03 -21.55
CA THR E 134 -42.08 -23.91 -20.18
C THR E 134 -43.09 -23.39 -19.16
N GLN E 135 -44.24 -22.88 -19.64
CA GLN E 135 -45.14 -22.11 -18.76
C GLN E 135 -44.40 -20.88 -18.21
N LYS E 136 -43.35 -20.44 -18.92
CA LYS E 136 -42.55 -19.27 -18.58
C LYS E 136 -42.36 -18.43 -19.83
N ALA E 137 -41.94 -17.18 -19.67
CA ALA E 137 -42.01 -16.16 -20.76
C ALA E 137 -40.93 -15.08 -20.69
N THR E 138 -39.94 -15.17 -21.58
CA THR E 138 -38.82 -14.29 -21.53
C THR E 138 -39.01 -13.08 -22.42
N LEU E 139 -38.94 -11.90 -21.83
CA LEU E 139 -38.82 -10.67 -22.62
C LEU E 139 -37.37 -10.35 -23.02
N VAL E 140 -37.20 -9.80 -24.23
CA VAL E 140 -35.91 -9.30 -24.64
C VAL E 140 -35.94 -7.83 -25.05
N CYS E 141 -34.90 -7.17 -24.60
CA CYS E 141 -34.64 -5.80 -24.90
C CYS E 141 -33.33 -5.68 -25.60
N LEU E 142 -33.36 -5.04 -26.78
CA LEU E 142 -32.15 -4.79 -27.56
C LEU E 142 -31.81 -3.32 -27.61
N ALA E 143 -30.60 -3.00 -27.13
CA ALA E 143 -30.09 -1.66 -27.26
C ALA E 143 -29.00 -1.70 -28.31
N THR E 144 -29.29 -1.04 -29.42
CA THR E 144 -28.47 -1.13 -30.62
C THR E 144 -27.90 0.25 -31.03
N GLY E 145 -26.84 0.22 -31.85
CA GLY E 145 -26.17 1.37 -32.43
C GLY E 145 -25.65 2.48 -31.52
N PHE E 146 -25.13 2.15 -30.35
CA PHE E 146 -24.69 3.24 -29.46
C PHE E 146 -23.20 3.33 -29.33
N PHE E 147 -22.70 4.53 -29.19
CA PHE E 147 -21.27 4.67 -29.02
C PHE E 147 -21.16 5.80 -28.04
N PRO E 148 -20.09 5.75 -27.23
CA PRO E 148 -19.62 5.04 -26.09
C PRO E 148 -20.54 3.92 -25.60
N ASP E 149 -19.85 2.88 -25.24
CA ASP E 149 -20.32 1.90 -24.34
C ASP E 149 -20.77 2.47 -22.97
N HIS E 150 -21.51 3.57 -22.92
CA HIS E 150 -21.88 4.09 -21.59
C HIS E 150 -23.39 4.09 -21.37
N VAL E 151 -23.88 2.96 -20.90
CA VAL E 151 -25.29 2.74 -20.75
C VAL E 151 -25.57 1.99 -19.47
N GLU E 152 -26.70 2.30 -18.86
CA GLU E 152 -27.17 1.55 -17.71
C GLU E 152 -28.62 1.15 -18.01
N LEU E 153 -28.83 -0.10 -18.44
CA LEU E 153 -30.15 -0.67 -18.75
C LEU E 153 -30.91 -1.16 -17.53
N SER E 154 -32.21 -0.90 -17.50
CA SER E 154 -33.02 -1.34 -16.38
C SER E 154 -34.45 -1.63 -16.81
N TRP E 155 -35.08 -2.53 -16.06
CA TRP E 155 -36.44 -3.02 -16.34
C TRP E 155 -37.44 -2.57 -15.29
N TRP E 156 -38.65 -2.23 -15.78
CA TRP E 156 -39.71 -1.68 -14.95
C TRP E 156 -40.99 -2.43 -15.24
N VAL E 157 -41.64 -2.92 -14.18
CA VAL E 157 -42.93 -3.59 -14.23
C VAL E 157 -43.97 -2.76 -13.50
N ASN E 158 -45.04 -2.41 -14.20
CA ASN E 158 -46.02 -1.47 -13.66
C ASN E 158 -45.26 -0.42 -12.89
N GLY E 159 -44.36 0.28 -13.56
CA GLY E 159 -43.69 1.44 -13.00
C GLY E 159 -42.78 1.21 -11.81
N LYS E 160 -42.34 -0.02 -11.58
CA LYS E 160 -41.39 -0.34 -10.48
C LYS E 160 -40.16 -1.09 -11.02
N GLU E 161 -38.93 -0.69 -10.60
CA GLU E 161 -37.71 -1.40 -11.08
C GLU E 161 -37.69 -2.84 -10.61
N VAL E 162 -37.04 -3.71 -11.36
CA VAL E 162 -37.15 -5.13 -11.08
C VAL E 162 -35.76 -5.77 -11.21
N HIS E 163 -35.48 -6.77 -10.39
CA HIS E 163 -34.19 -7.47 -10.42
C HIS E 163 -34.33 -8.94 -10.55
N SER E 164 -35.27 -9.52 -9.80
CA SER E 164 -35.58 -10.91 -10.04
C SER E 164 -36.01 -11.05 -11.49
N GLY E 165 -35.43 -12.03 -12.19
CA GLY E 165 -35.81 -12.33 -13.57
C GLY E 165 -34.83 -11.81 -14.60
N VAL E 166 -34.23 -10.67 -14.32
CA VAL E 166 -33.29 -10.01 -15.22
C VAL E 166 -31.93 -10.69 -15.42
N CYS E 167 -31.46 -10.62 -16.64
CA CYS E 167 -30.04 -10.76 -16.96
C CYS E 167 -29.66 -9.92 -18.21
N THR E 168 -28.59 -9.16 -18.02
CA THR E 168 -28.12 -8.15 -18.93
C THR E 168 -26.67 -8.49 -19.28
N ASP E 169 -26.29 -8.44 -20.54
CA ASP E 169 -24.90 -8.75 -20.88
C ASP E 169 -24.02 -7.80 -20.12
N PRO E 170 -23.06 -8.29 -19.34
CA PRO E 170 -22.15 -7.32 -18.70
C PRO E 170 -21.18 -6.72 -19.71
N GLN E 171 -20.89 -7.50 -20.76
CA GLN E 171 -20.13 -6.96 -21.90
C GLN E 171 -21.00 -6.72 -23.15
N PRO E 172 -20.96 -5.49 -23.64
CA PRO E 172 -21.62 -5.17 -24.88
C PRO E 172 -20.78 -5.63 -26.05
N LEU E 173 -21.42 -5.96 -27.17
CA LEU E 173 -20.69 -6.33 -28.37
C LEU E 173 -20.56 -5.22 -29.44
N LYS E 174 -19.64 -5.38 -30.38
CA LYS E 174 -19.46 -4.37 -31.39
C LYS E 174 -20.28 -4.67 -32.65
N GLU E 175 -21.11 -3.76 -33.11
CA GLU E 175 -21.82 -4.05 -34.35
C GLU E 175 -20.80 -4.36 -35.47
N GLN E 176 -19.56 -3.89 -35.30
CA GLN E 176 -18.50 -4.03 -36.32
C GLN E 176 -17.11 -4.33 -35.75
N PRO E 177 -16.90 -5.58 -35.25
CA PRO E 177 -15.67 -5.92 -34.50
C PRO E 177 -14.35 -5.47 -35.13
N ALA E 178 -14.32 -5.30 -36.45
CA ALA E 178 -13.14 -4.70 -37.10
C ALA E 178 -13.05 -3.20 -36.74
N LEU E 179 -13.99 -2.39 -37.28
CA LEU E 179 -14.07 -0.92 -37.07
C LEU E 179 -13.63 -0.51 -35.65
N ASN E 180 -12.77 0.52 -35.60
CA ASN E 180 -12.12 0.89 -34.36
C ASN E 180 -13.11 1.47 -33.35
N ASP E 181 -13.80 2.54 -33.73
CA ASP E 181 -14.95 2.98 -32.95
C ASP E 181 -16.26 2.34 -33.44
N SER E 182 -16.29 1.01 -33.41
CA SER E 182 -17.52 0.32 -33.75
C SER E 182 -18.61 0.82 -32.82
N ARG E 183 -19.77 1.07 -33.39
CA ARG E 183 -20.97 1.31 -32.61
C ARG E 183 -21.38 0.00 -31.93
N TYR E 184 -22.00 0.08 -30.75
CA TYR E 184 -22.25 -1.12 -29.91
C TYR E 184 -23.72 -1.50 -29.76
N ALA E 185 -23.95 -2.66 -29.12
CA ALA E 185 -25.28 -3.21 -28.87
C ALA E 185 -25.22 -4.09 -27.66
N LEU E 186 -26.37 -4.32 -27.01
CA LEU E 186 -26.38 -4.93 -25.71
C LEU E 186 -27.74 -5.52 -25.53
N SER E 187 -27.86 -6.65 -24.81
CA SER E 187 -29.19 -7.27 -24.62
C SER E 187 -29.50 -7.60 -23.17
N SER E 188 -30.80 -7.64 -22.87
CA SER E 188 -31.24 -7.94 -21.54
C SER E 188 -32.43 -8.84 -21.59
N ARG E 189 -32.61 -9.60 -20.52
CA ARG E 189 -33.70 -10.56 -20.53
C ARG E 189 -34.45 -10.37 -19.24
N LEU E 190 -35.78 -10.54 -19.32
CA LEU E 190 -36.65 -10.50 -18.14
C LEU E 190 -37.58 -11.66 -18.30
N ARG E 191 -37.44 -12.68 -17.47
CA ARG E 191 -38.28 -13.88 -17.66
C ARG E 191 -39.31 -13.88 -16.58
N VAL E 192 -40.58 -14.04 -16.95
CA VAL E 192 -41.61 -14.14 -15.90
C VAL E 192 -42.44 -15.42 -16.04
N SER E 193 -43.43 -15.60 -15.17
CA SER E 193 -44.34 -16.75 -15.28
C SER E 193 -45.26 -16.48 -16.47
N ALA E 194 -45.70 -17.53 -17.14
CA ALA E 194 -46.66 -17.38 -18.25
C ALA E 194 -47.91 -16.58 -17.86
N THR E 195 -48.46 -16.87 -16.67
CA THR E 195 -49.65 -16.18 -16.15
C THR E 195 -49.33 -14.72 -15.96
N PHE E 196 -48.13 -14.43 -15.45
CA PHE E 196 -47.79 -13.03 -15.26
C PHE E 196 -47.82 -12.22 -16.52
N TRP E 197 -47.31 -12.80 -17.61
CA TRP E 197 -47.25 -12.17 -18.94
C TRP E 197 -48.62 -12.09 -19.61
N GLN E 198 -49.43 -13.16 -19.48
CA GLN E 198 -50.76 -13.24 -20.07
C GLN E 198 -51.75 -12.24 -19.47
N ASN E 199 -51.36 -11.56 -18.41
CA ASN E 199 -52.26 -10.60 -17.73
C ASN E 199 -52.14 -9.16 -18.29
N PRO E 200 -53.11 -8.71 -19.08
CA PRO E 200 -52.94 -7.42 -19.78
C PRO E 200 -52.82 -6.16 -18.89
N ARG E 201 -53.15 -6.27 -17.59
CA ARG E 201 -53.03 -5.14 -16.67
C ARG E 201 -51.56 -4.89 -16.37
N ASN E 202 -50.71 -5.84 -16.73
CA ASN E 202 -49.28 -5.75 -16.44
C ASN E 202 -48.46 -5.14 -17.58
N HIS E 203 -47.43 -4.36 -17.20
CA HIS E 203 -46.74 -3.44 -18.13
C HIS E 203 -45.22 -3.36 -17.89
N PHE E 204 -44.48 -3.53 -18.97
CA PHE E 204 -43.05 -3.72 -18.90
C PHE E 204 -42.29 -2.65 -19.69
N ARG E 205 -41.25 -2.07 -19.09
CA ARG E 205 -40.44 -1.06 -19.75
C ARG E 205 -38.94 -1.38 -19.67
N CYS E 206 -38.29 -1.41 -20.83
CA CYS E 206 -36.83 -1.44 -20.93
C CYS E 206 -36.41 0.00 -21.07
N GLN E 207 -35.66 0.46 -20.09
CA GLN E 207 -35.29 1.84 -20.01
C GLN E 207 -33.76 1.89 -20.01
N VAL E 208 -33.16 2.46 -21.05
CA VAL E 208 -31.70 2.62 -21.08
C VAL E 208 -31.33 4.07 -20.85
N GLN E 209 -30.46 4.32 -19.86
CA GLN E 209 -29.76 5.60 -19.68
C GLN E 209 -28.46 5.63 -20.48
N PHE E 210 -28.32 6.58 -21.39
CA PHE E 210 -27.08 6.67 -22.16
C PHE E 210 -26.36 7.88 -21.70
N TYR E 211 -25.04 7.82 -21.60
CA TYR E 211 -24.24 9.00 -21.24
C TYR E 211 -23.53 9.53 -22.46
N GLY E 212 -23.97 10.66 -22.99
CA GLY E 212 -23.40 11.22 -24.22
C GLY E 212 -22.90 12.61 -23.94
N LEU E 213 -23.32 13.59 -24.74
CA LEU E 213 -22.83 14.99 -24.58
C LEU E 213 -23.64 15.89 -23.65
N SER E 214 -23.00 16.95 -23.24
CA SER E 214 -23.57 17.84 -22.23
C SER E 214 -24.04 19.13 -22.91
N GLU E 215 -24.45 20.10 -22.10
CA GLU E 215 -24.97 21.34 -22.66
C GLU E 215 -23.88 22.03 -23.44
N ASN E 216 -22.62 21.84 -23.05
CA ASN E 216 -21.53 22.58 -23.64
C ASN E 216 -21.07 22.11 -25.00
N ASP E 217 -20.92 20.81 -25.19
CA ASP E 217 -20.28 20.26 -26.37
C ASP E 217 -20.93 20.78 -27.60
N GLU E 218 -20.12 21.29 -28.53
CA GLU E 218 -20.64 21.73 -29.83
C GLU E 218 -21.35 20.63 -30.66
N TRP E 219 -22.41 20.99 -31.37
CA TRP E 219 -23.16 20.05 -32.21
C TRP E 219 -23.57 20.60 -33.56
N THR E 220 -23.19 19.89 -34.61
CA THR E 220 -23.07 20.51 -35.93
C THR E 220 -23.72 19.66 -37.00
N GLN E 221 -24.31 18.52 -36.64
CA GLN E 221 -24.88 17.62 -37.64
C GLN E 221 -26.36 17.84 -37.79
N ASP E 222 -26.89 17.26 -38.87
CA ASP E 222 -28.31 16.99 -39.04
C ASP E 222 -29.02 16.12 -37.95
N ARG E 223 -28.56 14.91 -37.64
CA ARG E 223 -29.20 14.15 -36.58
C ARG E 223 -29.14 14.91 -35.25
N ALA E 224 -30.00 14.44 -34.33
CA ALA E 224 -30.17 15.05 -33.05
C ALA E 224 -28.91 14.88 -32.20
N LYS E 225 -28.57 15.93 -31.45
CA LYS E 225 -27.44 15.87 -30.55
C LYS E 225 -27.56 14.60 -29.68
N PRO E 226 -26.51 13.75 -29.65
CA PRO E 226 -26.61 12.60 -28.74
C PRO E 226 -26.27 13.04 -27.30
N VAL E 227 -27.24 13.64 -26.63
CA VAL E 227 -27.01 14.06 -25.27
C VAL E 227 -27.20 12.89 -24.37
N THR E 228 -26.79 13.08 -23.12
CA THR E 228 -27.06 12.14 -22.05
C THR E 228 -28.59 12.06 -22.10
N GLN E 229 -29.14 10.86 -22.08
CA GLN E 229 -30.58 10.71 -22.28
C GLN E 229 -31.07 9.31 -21.98
N ILE E 230 -32.37 9.19 -21.76
CA ILE E 230 -33.00 7.89 -21.66
C ILE E 230 -33.72 7.49 -22.97
N VAL E 231 -33.55 6.25 -23.38
CA VAL E 231 -34.34 5.73 -24.47
C VAL E 231 -35.02 4.50 -23.98
N SER E 232 -36.25 4.34 -24.44
CA SER E 232 -37.09 3.21 -24.01
C SER E 232 -37.89 2.59 -25.12
N ALA E 233 -38.43 1.43 -24.74
CA ALA E 233 -39.47 0.73 -25.48
C ALA E 233 -40.17 -0.02 -24.35
N GLU E 234 -41.43 -0.39 -24.60
CA GLU E 234 -42.25 -0.99 -23.58
C GLU E 234 -43.31 -1.88 -24.21
N ALA E 235 -43.98 -2.67 -23.38
CA ALA E 235 -45.04 -3.59 -23.83
C ALA E 235 -45.99 -4.01 -22.72
N TRP E 236 -47.04 -4.72 -23.12
CA TRP E 236 -48.12 -5.14 -22.23
C TRP E 236 -48.48 -6.59 -22.49
N GLY E 237 -49.08 -7.21 -21.49
CA GLY E 237 -49.53 -8.59 -21.58
C GLY E 237 -50.53 -8.92 -22.68
N ARG E 238 -50.32 -10.07 -23.30
CA ARG E 238 -51.21 -10.61 -24.33
C ARG E 238 -51.86 -11.86 -23.77
N ALA E 239 -53.11 -11.71 -23.35
CA ALA E 239 -53.89 -12.81 -22.79
C ALA E 239 -54.17 -13.95 -23.79
N ASP E 240 -53.49 -13.92 -24.94
CA ASP E 240 -53.65 -14.92 -26.02
C ASP E 240 -52.34 -15.62 -26.37
#